data_2EOX
#
_entry.id   2EOX
#
loop_
_entity.id
_entity.type
_entity.pdbx_description
1 polymer 'Zinc finger protein 473'
2 non-polymer 'ZINC ION'
#
_entity_poly.entity_id   1
_entity_poly.type   'polypeptide(L)'
_entity_poly.pdbx_seq_one_letter_code
;GSSGSSGTDSKSYNCNECGKAFTRIFHLTRHQKIHTRKSGPSSG
;
_entity_poly.pdbx_strand_id   A
#
# COMPACT_ATOMS: atom_id res chain seq x y z
N GLY A 1 1.52 28.90 -26.94
CA GLY A 1 1.27 28.28 -25.67
C GLY A 1 2.55 27.93 -24.92
N SER A 2 2.98 26.69 -25.05
CA SER A 2 4.19 26.24 -24.37
C SER A 2 4.01 26.28 -22.85
N SER A 3 2.85 25.84 -22.38
CA SER A 3 2.56 25.83 -20.95
C SER A 3 3.55 24.96 -20.21
N GLY A 4 3.80 23.76 -20.73
CA GLY A 4 4.74 22.85 -20.10
C GLY A 4 4.27 21.41 -20.18
N SER A 5 4.66 20.61 -19.20
CA SER A 5 4.30 19.20 -19.17
C SER A 5 4.11 18.71 -17.73
N SER A 6 3.39 17.61 -17.58
CA SER A 6 3.13 17.04 -16.26
C SER A 6 3.48 15.55 -16.23
N GLY A 7 3.72 15.04 -15.03
CA GLY A 7 4.06 13.63 -14.88
C GLY A 7 5.23 13.40 -13.94
N THR A 8 4.92 13.08 -12.69
CA THR A 8 5.95 12.85 -11.69
C THR A 8 5.85 11.44 -11.11
N ASP A 9 6.96 10.94 -10.58
CA ASP A 9 6.99 9.60 -10.00
C ASP A 9 7.87 9.57 -8.75
N SER A 10 7.24 9.43 -7.59
CA SER A 10 7.97 9.38 -6.33
C SER A 10 7.68 8.10 -5.57
N LYS A 11 8.70 7.27 -5.41
CA LYS A 11 8.55 5.99 -4.70
C LYS A 11 7.72 6.17 -3.44
N SER A 12 6.65 5.40 -3.32
CA SER A 12 5.78 5.46 -2.16
C SER A 12 4.80 4.30 -2.15
N TYR A 13 4.97 3.39 -1.18
CA TYR A 13 4.10 2.23 -1.06
C TYR A 13 2.96 2.50 -0.10
N ASN A 14 1.73 2.45 -0.62
CA ASN A 14 0.55 2.70 0.21
C ASN A 14 -0.47 1.58 0.02
N CYS A 15 -1.05 1.13 1.14
CA CYS A 15 -2.05 0.07 1.11
C CYS A 15 -3.35 0.55 0.47
N ASN A 16 -3.63 0.05 -0.73
CA ASN A 16 -4.84 0.43 -1.44
C ASN A 16 -6.05 -0.37 -0.96
N GLU A 17 -5.88 -1.04 0.19
CA GLU A 17 -6.95 -1.84 0.76
C GLU A 17 -7.67 -1.09 1.87
N CYS A 18 -6.90 -0.37 2.68
CA CYS A 18 -7.45 0.40 3.79
C CYS A 18 -7.17 1.89 3.62
N GLY A 19 -5.91 2.21 3.31
CA GLY A 19 -5.54 3.61 3.13
C GLY A 19 -4.42 4.03 4.06
N LYS A 20 -3.28 3.36 3.96
CA LYS A 20 -2.14 3.67 4.81
C LYS A 20 -0.86 3.74 3.97
N ALA A 21 -0.16 4.85 4.06
CA ALA A 21 1.08 5.05 3.32
C ALA A 21 2.29 4.71 4.18
N PHE A 22 3.20 3.93 3.63
CA PHE A 22 4.41 3.53 4.34
C PHE A 22 5.66 4.05 3.64
N THR A 23 6.81 3.93 4.31
CA THR A 23 8.07 4.39 3.75
C THR A 23 8.74 3.29 2.93
N ARG A 24 8.86 2.10 3.53
CA ARG A 24 9.49 0.97 2.86
C ARG A 24 8.44 0.03 2.28
N ILE A 25 8.89 -1.07 1.69
CA ILE A 25 7.99 -2.05 1.10
C ILE A 25 7.78 -3.23 2.04
N PHE A 26 8.75 -3.46 2.93
CA PHE A 26 8.66 -4.56 3.89
C PHE A 26 7.69 -4.23 5.01
N HIS A 27 7.50 -2.93 5.25
CA HIS A 27 6.61 -2.47 6.30
C HIS A 27 5.14 -2.66 5.90
N LEU A 28 4.87 -2.45 4.62
CA LEU A 28 3.51 -2.60 4.09
C LEU A 28 3.14 -4.08 3.95
N THR A 29 4.09 -4.88 3.48
CA THR A 29 3.86 -6.31 3.30
C THR A 29 3.53 -6.98 4.63
N ARG A 30 4.13 -6.50 5.71
CA ARG A 30 3.89 -7.06 7.03
C ARG A 30 2.57 -6.55 7.61
N HIS A 31 1.92 -5.65 6.87
CA HIS A 31 0.65 -5.09 7.31
C HIS A 31 -0.53 -5.83 6.68
N GLN A 32 -0.34 -6.31 5.45
CA GLN A 32 -1.39 -7.03 4.74
C GLN A 32 -1.75 -8.32 5.47
N LYS A 33 -0.98 -8.64 6.51
CA LYS A 33 -1.21 -9.85 7.28
C LYS A 33 -2.58 -9.80 7.97
N ILE A 34 -2.98 -8.60 8.38
CA ILE A 34 -4.27 -8.41 9.02
C ILE A 34 -5.42 -8.40 8.01
N HIS A 35 -5.09 -8.06 6.77
CA HIS A 35 -6.08 -8.02 5.70
C HIS A 35 -6.52 -9.43 5.32
N THR A 36 -5.56 -10.26 4.91
CA THR A 36 -5.85 -11.63 4.52
C THR A 36 -6.44 -12.42 5.67
N ARG A 37 -7.43 -13.26 5.36
CA ARG A 37 -8.07 -14.08 6.37
C ARG A 37 -8.07 -15.55 5.97
N LYS A 38 -8.70 -16.39 6.79
CA LYS A 38 -8.76 -17.83 6.53
C LYS A 38 -10.21 -18.32 6.55
N SER A 39 -10.46 -19.45 5.90
CA SER A 39 -11.80 -20.02 5.83
C SER A 39 -11.80 -21.45 6.36
N GLY A 40 -12.88 -21.83 7.03
CA GLY A 40 -13.00 -23.16 7.58
C GLY A 40 -14.31 -23.39 8.29
N PRO A 41 -14.40 -22.93 9.55
CA PRO A 41 -15.61 -23.07 10.36
C PRO A 41 -16.76 -22.21 9.85
N SER A 42 -17.96 -22.77 9.87
CA SER A 42 -19.14 -22.04 9.42
C SER A 42 -19.44 -20.85 10.32
N SER A 43 -19.68 -21.13 11.60
CA SER A 43 -19.98 -20.08 12.56
C SER A 43 -19.20 -18.81 12.25
N GLY A 44 -17.87 -18.91 12.25
CA GLY A 44 -17.03 -17.76 11.95
C GLY A 44 -17.18 -16.66 12.99
N GLY A 1 23.60 21.15 -21.76
CA GLY A 1 22.37 20.81 -22.45
C GLY A 1 21.30 20.30 -21.50
N SER A 2 20.09 20.85 -21.63
CA SER A 2 18.98 20.44 -20.77
C SER A 2 18.42 19.09 -21.22
N SER A 3 18.99 18.02 -20.69
CA SER A 3 18.55 16.67 -21.03
C SER A 3 17.20 16.36 -20.39
N GLY A 4 17.09 16.66 -19.10
CA GLY A 4 15.85 16.41 -18.39
C GLY A 4 15.94 16.75 -16.92
N SER A 5 16.18 15.75 -16.08
CA SER A 5 16.29 15.96 -14.64
C SER A 5 15.28 17.00 -14.16
N SER A 6 14.06 16.91 -14.68
CA SER A 6 13.00 17.85 -14.32
C SER A 6 12.05 17.22 -13.31
N GLY A 7 11.50 16.07 -13.67
CA GLY A 7 10.57 15.38 -12.78
C GLY A 7 11.28 14.59 -11.70
N THR A 8 10.97 14.92 -10.44
CA THR A 8 11.59 14.24 -9.31
C THR A 8 11.34 12.73 -9.37
N ASP A 9 12.35 11.97 -8.98
CA ASP A 9 12.24 10.51 -9.00
C ASP A 9 12.01 9.97 -7.58
N SER A 10 10.77 9.62 -7.28
CA SER A 10 10.42 9.10 -5.97
C SER A 10 9.24 8.13 -6.07
N LYS A 11 9.07 7.33 -5.02
CA LYS A 11 7.98 6.35 -4.99
C LYS A 11 7.29 6.36 -3.63
N SER A 12 6.07 5.82 -3.58
CA SER A 12 5.30 5.77 -2.34
C SER A 12 4.38 4.55 -2.33
N TYR A 13 4.40 3.82 -1.22
CA TYR A 13 3.56 2.63 -1.08
C TYR A 13 2.37 2.90 -0.16
N ASN A 14 1.20 2.45 -0.56
CA ASN A 14 -0.01 2.64 0.23
C ASN A 14 -0.92 1.41 0.14
N CYS A 15 -1.36 0.93 1.29
CA CYS A 15 -2.23 -0.24 1.35
C CYS A 15 -3.62 0.10 0.81
N ASN A 16 -3.70 0.31 -0.49
CA ASN A 16 -4.97 0.64 -1.13
C ASN A 16 -6.13 -0.13 -0.48
N GLU A 17 -5.83 -1.34 -0.02
CA GLU A 17 -6.83 -2.18 0.62
C GLU A 17 -7.57 -1.41 1.71
N CYS A 18 -6.81 -0.78 2.60
CA CYS A 18 -7.39 -0.01 3.69
C CYS A 18 -7.07 1.48 3.54
N GLY A 19 -5.82 1.78 3.22
CA GLY A 19 -5.40 3.16 3.05
C GLY A 19 -4.36 3.58 4.06
N LYS A 20 -3.16 3.00 3.94
CA LYS A 20 -2.07 3.32 4.85
C LYS A 20 -0.76 3.50 4.09
N ALA A 21 -0.24 4.73 4.09
CA ALA A 21 1.00 5.03 3.40
C ALA A 21 2.21 4.63 4.24
N PHE A 22 3.15 3.93 3.61
CA PHE A 22 4.35 3.48 4.31
C PHE A 22 5.61 3.99 3.61
N THR A 23 6.73 4.00 4.32
CA THR A 23 7.99 4.46 3.77
C THR A 23 8.65 3.39 2.91
N ARG A 24 8.47 2.13 3.31
CA ARG A 24 9.05 1.01 2.58
C ARG A 24 7.99 -0.05 2.29
N ILE A 25 8.26 -0.90 1.30
CA ILE A 25 7.33 -1.95 0.92
C ILE A 25 7.29 -3.05 1.99
N PHE A 26 8.45 -3.34 2.58
CA PHE A 26 8.55 -4.36 3.61
C PHE A 26 7.43 -4.22 4.63
N HIS A 27 7.42 -3.09 5.33
CA HIS A 27 6.40 -2.83 6.34
C HIS A 27 5.00 -3.08 5.78
N LEU A 28 4.73 -2.53 4.61
CA LEU A 28 3.43 -2.69 3.96
C LEU A 28 3.09 -4.16 3.80
N THR A 29 4.08 -4.96 3.41
CA THR A 29 3.89 -6.39 3.21
C THR A 29 3.52 -7.07 4.52
N ARG A 30 4.17 -6.67 5.60
CA ARG A 30 3.91 -7.25 6.91
C ARG A 30 2.54 -6.80 7.45
N HIS A 31 2.19 -5.55 7.15
CA HIS A 31 0.91 -5.00 7.60
C HIS A 31 -0.25 -5.72 6.92
N GLN A 32 -0.23 -5.76 5.60
CA GLN A 32 -1.29 -6.41 4.84
C GLN A 32 -1.75 -7.69 5.53
N LYS A 33 -0.86 -8.29 6.31
CA LYS A 33 -1.17 -9.52 7.03
C LYS A 33 -2.49 -9.38 7.79
N ILE A 34 -2.65 -8.28 8.51
CA ILE A 34 -3.87 -8.03 9.27
C ILE A 34 -5.11 -8.23 8.40
N HIS A 35 -4.94 -8.09 7.09
CA HIS A 35 -6.04 -8.25 6.15
C HIS A 35 -6.22 -9.72 5.78
N THR A 36 -5.12 -10.39 5.47
CA THR A 36 -5.15 -11.79 5.09
C THR A 36 -5.07 -12.70 6.32
N ARG A 37 -5.80 -12.33 7.37
CA ARG A 37 -5.80 -13.10 8.60
C ARG A 37 -7.14 -12.98 9.32
N LYS A 38 -7.67 -14.11 9.76
CA LYS A 38 -8.94 -14.14 10.47
C LYS A 38 -8.76 -13.91 11.95
N SER A 39 -8.22 -12.75 12.31
CA SER A 39 -7.99 -12.40 13.70
C SER A 39 -8.98 -11.35 14.19
N GLY A 40 -10.25 -11.74 14.25
CA GLY A 40 -11.28 -10.82 14.70
C GLY A 40 -11.29 -9.54 13.89
N PRO A 41 -11.91 -8.49 14.46
CA PRO A 41 -12.01 -7.18 13.80
C PRO A 41 -10.66 -6.46 13.72
N SER A 42 -9.61 -7.13 14.20
CA SER A 42 -8.28 -6.57 14.18
C SER A 42 -8.13 -5.48 15.25
N SER A 43 -8.52 -5.81 16.48
CA SER A 43 -8.45 -4.86 17.59
C SER A 43 -8.76 -5.55 18.91
N GLY A 44 -8.36 -4.90 20.01
CA GLY A 44 -8.61 -5.47 21.33
C GLY A 44 -8.29 -4.49 22.44
N GLY A 1 -5.92 23.95 -18.01
CA GLY A 1 -5.00 22.81 -17.95
C GLY A 1 -3.89 23.03 -16.93
N SER A 2 -3.75 22.07 -16.02
CA SER A 2 -2.72 22.16 -14.98
C SER A 2 -1.45 21.44 -15.43
N SER A 3 -0.33 22.14 -15.36
CA SER A 3 0.96 21.57 -15.76
C SER A 3 2.09 22.12 -14.90
N GLY A 4 2.61 21.29 -14.00
CA GLY A 4 3.69 21.72 -13.14
C GLY A 4 4.15 20.62 -12.20
N SER A 5 3.55 20.57 -11.02
CA SER A 5 3.91 19.56 -10.02
C SER A 5 3.23 18.23 -10.33
N SER A 6 3.93 17.39 -11.09
CA SER A 6 3.40 16.08 -11.48
C SER A 6 3.84 15.01 -10.47
N GLY A 7 3.08 14.87 -9.39
CA GLY A 7 3.41 13.88 -8.38
C GLY A 7 4.90 13.70 -8.21
N THR A 8 5.53 14.61 -7.48
CA THR A 8 6.96 14.55 -7.25
C THR A 8 7.29 13.57 -6.13
N ASP A 9 7.61 12.33 -6.51
CA ASP A 9 7.96 11.30 -5.53
C ASP A 9 8.82 10.22 -6.15
N SER A 10 9.79 9.71 -5.39
CA SER A 10 10.68 8.68 -5.89
C SER A 10 10.06 7.29 -5.72
N LYS A 11 9.40 7.08 -4.58
CA LYS A 11 8.76 5.80 -4.31
C LYS A 11 7.88 5.90 -3.06
N SER A 12 6.65 5.40 -3.17
CA SER A 12 5.71 5.43 -2.06
C SER A 12 4.59 4.42 -2.26
N TYR A 13 4.49 3.46 -1.34
CA TYR A 13 3.44 2.44 -1.43
C TYR A 13 2.20 2.86 -0.65
N ASN A 14 1.10 2.15 -0.90
CA ASN A 14 -0.15 2.45 -0.22
C ASN A 14 -1.01 1.19 -0.09
N CYS A 15 -1.65 1.03 1.07
CA CYS A 15 -2.50 -0.13 1.32
C CYS A 15 -3.94 0.16 0.92
N ASN A 16 -4.19 0.25 -0.38
CA ASN A 16 -5.52 0.52 -0.88
C ASN A 16 -6.58 -0.12 0.00
N GLU A 17 -6.31 -1.33 0.46
CA GLU A 17 -7.24 -2.05 1.32
C GLU A 17 -7.86 -1.13 2.36
N CYS A 18 -7.01 -0.47 3.13
CA CYS A 18 -7.47 0.46 4.17
C CYS A 18 -7.19 1.89 3.77
N GLY A 19 -6.00 2.13 3.22
CA GLY A 19 -5.63 3.48 2.81
C GLY A 19 -4.50 4.06 3.65
N LYS A 20 -3.47 3.25 3.88
CA LYS A 20 -2.32 3.69 4.69
C LYS A 20 -1.04 3.60 3.87
N ALA A 21 -0.36 4.73 3.73
CA ALA A 21 0.89 4.78 2.98
C ALA A 21 2.08 4.41 3.86
N PHE A 22 3.00 3.64 3.32
CA PHE A 22 4.19 3.21 4.07
C PHE A 22 5.46 3.63 3.34
N THR A 23 6.43 4.13 4.10
CA THR A 23 7.70 4.57 3.53
C THR A 23 8.25 3.53 2.56
N ARG A 24 8.42 2.30 3.05
CA ARG A 24 8.94 1.22 2.22
C ARG A 24 7.89 0.13 2.02
N ILE A 25 8.22 -0.87 1.22
CA ILE A 25 7.31 -1.97 0.95
C ILE A 25 7.30 -2.97 2.10
N PHE A 26 8.48 -3.23 2.66
CA PHE A 26 8.61 -4.17 3.76
C PHE A 26 7.49 -3.96 4.79
N HIS A 27 7.42 -2.75 5.33
CA HIS A 27 6.40 -2.41 6.32
C HIS A 27 5.01 -2.75 5.81
N LEU A 28 4.77 -2.46 4.52
CA LEU A 28 3.48 -2.73 3.91
C LEU A 28 3.20 -4.22 3.85
N THR A 29 4.22 -5.01 3.51
CA THR A 29 4.08 -6.45 3.43
C THR A 29 3.68 -7.05 4.77
N ARG A 30 4.41 -6.70 5.82
CA ARG A 30 4.12 -7.19 7.15
C ARG A 30 2.76 -6.70 7.64
N HIS A 31 2.32 -5.58 7.08
CA HIS A 31 1.03 -5.00 7.46
C HIS A 31 -0.12 -5.75 6.78
N GLN A 32 -0.13 -5.73 5.45
CA GLN A 32 -1.16 -6.41 4.69
C GLN A 32 -1.54 -7.74 5.33
N LYS A 33 -0.60 -8.32 6.07
CA LYS A 33 -0.82 -9.59 6.75
C LYS A 33 -2.16 -9.59 7.48
N ILE A 34 -2.38 -8.55 8.27
CA ILE A 34 -3.62 -8.42 9.04
C ILE A 34 -4.83 -8.43 8.11
N HIS A 35 -4.64 -7.94 6.89
CA HIS A 35 -5.73 -7.90 5.91
C HIS A 35 -5.95 -9.27 5.28
N THR A 36 -4.99 -9.71 4.47
CA THR A 36 -5.09 -11.00 3.81
C THR A 36 -5.46 -12.10 4.79
N ARG A 37 -6.41 -12.95 4.42
CA ARG A 37 -6.85 -14.04 5.27
C ARG A 37 -7.31 -15.23 4.43
N LYS A 38 -7.16 -16.42 5.00
CA LYS A 38 -7.56 -17.65 4.31
C LYS A 38 -8.96 -18.08 4.73
N SER A 39 -9.96 -17.58 4.02
CA SER A 39 -11.35 -17.91 4.32
C SER A 39 -11.76 -19.22 3.64
N GLY A 40 -11.41 -19.35 2.37
CA GLY A 40 -11.76 -20.54 1.62
C GLY A 40 -11.81 -20.29 0.13
N PRO A 41 -13.02 -20.02 -0.38
CA PRO A 41 -13.24 -19.76 -1.81
C PRO A 41 -12.65 -18.43 -2.26
N SER A 42 -11.88 -18.47 -3.34
CA SER A 42 -11.24 -17.27 -3.86
C SER A 42 -11.92 -16.81 -5.15
N SER A 43 -12.00 -15.50 -5.34
CA SER A 43 -12.63 -14.94 -6.52
C SER A 43 -11.92 -13.66 -6.96
N GLY A 44 -12.29 -13.17 -8.14
CA GLY A 44 -11.67 -11.95 -8.65
C GLY A 44 -10.79 -12.21 -9.85
N GLY A 1 -6.01 11.69 -20.83
CA GLY A 1 -4.73 12.18 -20.36
C GLY A 1 -3.64 12.08 -21.40
N SER A 2 -2.89 13.15 -21.57
CA SER A 2 -1.80 13.18 -22.55
C SER A 2 -0.53 12.54 -21.98
N SER A 3 -0.05 13.09 -20.87
CA SER A 3 1.15 12.58 -20.22
C SER A 3 1.36 13.24 -18.86
N GLY A 4 2.06 12.54 -17.97
CA GLY A 4 2.32 13.08 -16.65
C GLY A 4 3.74 12.83 -16.19
N SER A 5 4.67 13.67 -16.66
CA SER A 5 6.07 13.53 -16.29
C SER A 5 6.23 13.33 -14.79
N SER A 6 7.33 12.68 -14.40
CA SER A 6 7.59 12.41 -12.99
C SER A 6 8.80 13.20 -12.50
N GLY A 7 8.55 14.40 -11.98
CA GLY A 7 9.63 15.23 -11.49
C GLY A 7 10.54 14.50 -10.51
N THR A 8 10.12 14.46 -9.25
CA THR A 8 10.89 13.80 -8.21
C THR A 8 11.17 12.34 -8.58
N ASP A 9 12.09 11.72 -7.85
CA ASP A 9 12.45 10.32 -8.11
C ASP A 9 12.25 9.48 -6.84
N SER A 10 11.14 9.71 -6.15
CA SER A 10 10.84 8.97 -4.93
C SER A 10 9.43 8.39 -4.97
N LYS A 11 9.33 7.09 -4.77
CA LYS A 11 8.04 6.40 -4.79
C LYS A 11 7.60 6.03 -3.38
N SER A 12 6.29 5.93 -3.17
CA SER A 12 5.75 5.57 -1.87
C SER A 12 4.59 4.59 -2.01
N TYR A 13 4.73 3.43 -1.37
CA TYR A 13 3.69 2.41 -1.42
C TYR A 13 2.51 2.79 -0.53
N ASN A 14 1.33 2.27 -0.89
CA ASN A 14 0.11 2.55 -0.12
C ASN A 14 -0.83 1.36 -0.15
N CYS A 15 -1.38 1.02 1.01
CA CYS A 15 -2.31 -0.11 1.13
C CYS A 15 -3.59 0.17 0.36
N ASN A 16 -4.25 -0.90 -0.08
CA ASN A 16 -5.50 -0.77 -0.82
C ASN A 16 -6.68 -1.24 0.02
N GLU A 17 -6.43 -2.18 0.92
CA GLU A 17 -7.48 -2.70 1.79
C GLU A 17 -8.08 -1.60 2.65
N CYS A 18 -7.23 -0.96 3.46
CA CYS A 18 -7.68 0.12 4.34
C CYS A 18 -7.19 1.47 3.83
N GLY A 19 -5.91 1.52 3.46
CA GLY A 19 -5.33 2.77 2.97
C GLY A 19 -4.32 3.35 3.92
N LYS A 20 -3.04 3.07 3.68
CA LYS A 20 -1.97 3.58 4.53
C LYS A 20 -0.68 3.74 3.73
N ALA A 21 -0.05 4.90 3.87
CA ALA A 21 1.20 5.18 3.17
C ALA A 21 2.41 4.69 3.98
N PHE A 22 3.23 3.86 3.35
CA PHE A 22 4.42 3.33 4.02
C PHE A 22 5.68 3.70 3.26
N THR A 23 6.69 4.15 3.99
CA THR A 23 7.96 4.56 3.39
C THR A 23 8.54 3.43 2.54
N ARG A 24 8.68 2.26 3.14
CA ARG A 24 9.22 1.10 2.44
C ARG A 24 8.15 0.04 2.22
N ILE A 25 8.38 -0.84 1.25
CA ILE A 25 7.43 -1.90 0.93
C ILE A 25 7.39 -2.94 2.05
N PHE A 26 8.55 -3.22 2.62
CA PHE A 26 8.65 -4.20 3.70
C PHE A 26 7.49 -4.06 4.68
N HIS A 27 7.37 -2.88 5.29
CA HIS A 27 6.30 -2.61 6.24
C HIS A 27 4.94 -2.88 5.61
N LEU A 28 4.75 -2.41 4.39
CA LEU A 28 3.49 -2.60 3.68
C LEU A 28 3.14 -4.08 3.58
N THR A 29 4.12 -4.90 3.25
CA THR A 29 3.91 -6.34 3.12
C THR A 29 3.45 -6.94 4.45
N ARG A 30 4.10 -6.53 5.53
CA ARG A 30 3.75 -7.03 6.86
C ARG A 30 2.39 -6.51 7.30
N HIS A 31 2.09 -5.27 6.94
CA HIS A 31 0.82 -4.65 7.30
C HIS A 31 -0.35 -5.40 6.66
N GLN A 32 -0.31 -5.54 5.34
CA GLN A 32 -1.36 -6.23 4.61
C GLN A 32 -1.79 -7.50 5.34
N LYS A 33 -0.89 -8.03 6.19
CA LYS A 33 -1.18 -9.23 6.95
C LYS A 33 -2.53 -9.11 7.67
N ILE A 34 -2.72 -7.99 8.36
CA ILE A 34 -3.96 -7.76 9.09
C ILE A 34 -5.17 -8.00 8.20
N HIS A 35 -4.98 -7.87 6.89
CA HIS A 35 -6.06 -8.08 5.93
C HIS A 35 -6.08 -9.52 5.45
N THR A 36 -5.87 -10.45 6.37
CA THR A 36 -5.88 -11.88 6.03
C THR A 36 -7.20 -12.53 6.42
N ARG A 37 -8.05 -12.80 5.42
CA ARG A 37 -9.33 -13.42 5.66
C ARG A 37 -9.22 -14.54 6.70
N LYS A 38 -10.32 -14.82 7.38
CA LYS A 38 -10.34 -15.86 8.40
C LYS A 38 -10.78 -17.20 7.80
N SER A 39 -10.11 -18.27 8.20
CA SER A 39 -10.43 -19.60 7.70
C SER A 39 -11.33 -20.36 8.68
N GLY A 40 -12.44 -20.88 8.18
CA GLY A 40 -13.35 -21.61 9.03
C GLY A 40 -14.77 -21.10 8.92
N PRO A 41 -15.02 -19.90 9.48
CA PRO A 41 -16.35 -19.27 9.46
C PRO A 41 -16.75 -18.82 8.05
N SER A 42 -15.88 -19.08 7.08
CA SER A 42 -16.15 -18.70 5.69
C SER A 42 -17.48 -19.27 5.22
N SER A 43 -18.01 -18.70 4.14
CA SER A 43 -19.28 -19.16 3.58
C SER A 43 -19.09 -19.69 2.17
N GLY A 44 -18.13 -19.11 1.45
CA GLY A 44 -17.86 -19.53 0.09
C GLY A 44 -18.45 -18.58 -0.94
N GLY A 1 7.91 13.95 -29.60
CA GLY A 1 7.06 13.30 -28.61
C GLY A 1 7.62 13.42 -27.21
N SER A 2 7.03 14.30 -26.42
CA SER A 2 7.48 14.51 -25.04
C SER A 2 6.30 14.74 -24.11
N SER A 3 6.19 13.88 -23.09
CA SER A 3 5.09 13.98 -22.13
C SER A 3 5.47 13.30 -20.82
N GLY A 4 4.92 13.82 -19.72
CA GLY A 4 5.21 13.25 -18.41
C GLY A 4 5.11 14.28 -17.30
N SER A 5 4.02 15.04 -17.29
CA SER A 5 3.82 16.07 -16.27
C SER A 5 3.55 15.44 -14.91
N SER A 6 4.43 15.73 -13.95
CA SER A 6 4.29 15.19 -12.60
C SER A 6 5.10 16.02 -11.61
N GLY A 7 4.47 16.34 -10.47
CA GLY A 7 5.15 17.12 -9.45
C GLY A 7 6.60 16.74 -9.30
N THR A 8 6.86 15.48 -8.95
CA THR A 8 8.22 14.99 -8.77
C THR A 8 8.24 13.47 -8.67
N ASP A 9 9.29 12.87 -9.22
CA ASP A 9 9.43 11.42 -9.19
C ASP A 9 9.90 10.95 -7.82
N SER A 10 9.21 9.95 -7.27
CA SER A 10 9.56 9.41 -5.96
C SER A 10 8.84 8.09 -5.72
N LYS A 11 9.39 7.28 -4.81
CA LYS A 11 8.82 5.98 -4.48
C LYS A 11 7.94 6.08 -3.25
N SER A 12 6.82 5.36 -3.28
CA SER A 12 5.88 5.35 -2.15
C SER A 12 4.83 4.27 -2.32
N TYR A 13 4.64 3.48 -1.28
CA TYR A 13 3.67 2.39 -1.31
C TYR A 13 2.50 2.67 -0.37
N ASN A 14 1.30 2.27 -0.78
CA ASN A 14 0.10 2.49 0.02
C ASN A 14 -0.81 1.27 -0.02
N CYS A 15 -1.39 0.93 1.12
CA CYS A 15 -2.29 -0.21 1.23
C CYS A 15 -3.64 0.09 0.58
N ASN A 16 -3.95 -0.63 -0.50
CA ASN A 16 -5.21 -0.43 -1.20
C ASN A 16 -6.32 -1.25 -0.55
N GLU A 17 -6.24 -1.44 0.75
CA GLU A 17 -7.23 -2.21 1.49
C GLU A 17 -7.86 -1.37 2.60
N CYS A 18 -7.07 -0.45 3.15
CA CYS A 18 -7.56 0.42 4.23
C CYS A 18 -7.28 1.88 3.90
N GLY A 19 -6.05 2.16 3.49
CA GLY A 19 -5.68 3.53 3.15
C GLY A 19 -4.51 4.03 3.99
N LYS A 20 -3.47 3.21 4.10
CA LYS A 20 -2.29 3.58 4.88
C LYS A 20 -1.05 3.59 4.00
N ALA A 21 -0.32 4.70 4.03
CA ALA A 21 0.90 4.84 3.24
C ALA A 21 2.13 4.47 4.05
N PHE A 22 3.09 3.83 3.40
CA PHE A 22 4.32 3.43 4.07
C PHE A 22 5.55 3.91 3.30
N THR A 23 6.65 4.11 4.01
CA THR A 23 7.89 4.57 3.40
C THR A 23 8.68 3.41 2.79
N ARG A 24 8.74 2.30 3.53
CA ARG A 24 9.46 1.12 3.07
C ARG A 24 8.56 0.24 2.20
N ILE A 25 9.10 -0.90 1.78
CA ILE A 25 8.35 -1.83 0.95
C ILE A 25 7.95 -3.08 1.75
N PHE A 26 8.76 -3.42 2.74
CA PHE A 26 8.50 -4.59 3.58
C PHE A 26 7.55 -4.23 4.72
N HIS A 27 7.61 -2.99 5.17
CA HIS A 27 6.76 -2.52 6.26
C HIS A 27 5.29 -2.56 5.85
N LEU A 28 5.04 -2.48 4.55
CA LEU A 28 3.68 -2.50 4.03
C LEU A 28 3.18 -3.94 3.88
N THR A 29 4.07 -4.83 3.45
CA THR A 29 3.73 -6.23 3.27
C THR A 29 3.39 -6.90 4.59
N ARG A 30 4.13 -6.52 5.64
CA ARG A 30 3.91 -7.09 6.97
C ARG A 30 2.60 -6.58 7.56
N HIS A 31 2.02 -5.56 6.94
CA HIS A 31 0.77 -4.99 7.41
C HIS A 31 -0.41 -5.67 6.73
N GLN A 32 -0.41 -5.68 5.41
CA GLN A 32 -1.49 -6.31 4.64
C GLN A 32 -1.92 -7.63 5.29
N LYS A 33 -1.01 -8.23 6.03
CA LYS A 33 -1.29 -9.51 6.70
C LYS A 33 -2.60 -9.43 7.48
N ILE A 34 -2.80 -8.32 8.18
CA ILE A 34 -4.01 -8.13 8.97
C ILE A 34 -5.25 -8.25 8.10
N HIS A 35 -5.08 -8.05 6.80
CA HIS A 35 -6.20 -8.14 5.86
C HIS A 35 -6.41 -9.57 5.41
N THR A 36 -7.16 -10.34 6.21
CA THR A 36 -7.44 -11.73 5.90
C THR A 36 -8.92 -11.94 5.61
N ARG A 37 -9.58 -10.89 5.13
CA ARG A 37 -11.01 -10.96 4.80
C ARG A 37 -11.22 -10.99 3.30
N LYS A 38 -10.47 -10.15 2.58
CA LYS A 38 -10.59 -10.08 1.12
C LYS A 38 -9.21 -10.12 0.48
N SER A 39 -8.98 -11.12 -0.37
CA SER A 39 -7.70 -11.27 -1.05
C SER A 39 -7.91 -11.67 -2.51
N GLY A 40 -6.91 -11.37 -3.34
CA GLY A 40 -7.01 -11.70 -4.75
C GLY A 40 -6.59 -13.12 -5.05
N PRO A 41 -7.17 -13.70 -6.11
CA PRO A 41 -6.87 -15.08 -6.52
C PRO A 41 -5.45 -15.21 -7.08
N SER A 42 -4.68 -16.14 -6.51
CA SER A 42 -3.31 -16.37 -6.96
C SER A 42 -3.29 -16.85 -8.41
N SER A 43 -4.13 -17.83 -8.72
CA SER A 43 -4.20 -18.37 -10.08
C SER A 43 -2.81 -18.74 -10.58
N GLY A 44 -2.01 -19.34 -9.72
CA GLY A 44 -0.66 -19.72 -10.09
C GLY A 44 0.26 -18.54 -10.26
N GLY A 1 2.56 7.69 -21.50
CA GLY A 1 3.75 8.01 -22.26
C GLY A 1 4.30 9.38 -21.92
N SER A 2 3.70 10.42 -22.49
CA SER A 2 4.13 11.79 -22.25
C SER A 2 2.98 12.64 -21.74
N SER A 3 3.17 13.24 -20.55
CA SER A 3 2.14 14.07 -19.95
C SER A 3 2.66 15.50 -19.75
N GLY A 4 3.78 15.63 -19.04
CA GLY A 4 4.36 16.93 -18.79
C GLY A 4 4.91 17.06 -17.39
N SER A 5 4.66 18.19 -16.75
CA SER A 5 5.15 18.44 -15.40
C SER A 5 4.84 17.25 -14.48
N SER A 6 5.81 16.86 -13.67
CA SER A 6 5.65 15.74 -12.76
C SER A 6 5.81 16.19 -11.31
N GLY A 7 5.28 15.40 -10.38
CA GLY A 7 5.37 15.74 -8.97
C GLY A 7 6.48 14.99 -8.27
N THR A 8 6.11 14.16 -7.30
CA THR A 8 7.07 13.38 -6.54
C THR A 8 7.69 12.28 -7.41
N ASP A 9 9.02 12.29 -7.50
CA ASP A 9 9.73 11.29 -8.29
C ASP A 9 9.87 9.98 -7.52
N SER A 10 10.28 10.07 -6.26
CA SER A 10 10.45 8.89 -5.43
C SER A 10 9.11 8.20 -5.17
N LYS A 11 8.96 6.99 -5.68
CA LYS A 11 7.74 6.22 -5.51
C LYS A 11 7.26 6.27 -4.06
N SER A 12 6.07 5.73 -3.81
CA SER A 12 5.51 5.73 -2.47
C SER A 12 4.53 4.57 -2.30
N TYR A 13 4.92 3.57 -1.51
CA TYR A 13 4.07 2.41 -1.27
C TYR A 13 2.94 2.75 -0.32
N ASN A 14 1.77 2.13 -0.55
CA ASN A 14 0.60 2.37 0.29
C ASN A 14 -0.39 1.21 0.17
N CYS A 15 -1.11 0.94 1.27
CA CYS A 15 -2.08 -0.13 1.29
C CYS A 15 -3.33 0.24 0.50
N ASN A 16 -3.77 -0.67 -0.37
CA ASN A 16 -4.95 -0.43 -1.19
C ASN A 16 -6.16 -1.15 -0.61
N GLU A 17 -6.13 -1.42 0.69
CA GLU A 17 -7.23 -2.10 1.36
C GLU A 17 -7.87 -1.19 2.42
N CYS A 18 -7.02 -0.53 3.21
CA CYS A 18 -7.50 0.36 4.26
C CYS A 18 -7.18 1.81 3.91
N GLY A 19 -5.94 2.06 3.51
CA GLY A 19 -5.53 3.41 3.17
C GLY A 19 -4.37 3.90 4.01
N LYS A 20 -3.33 3.07 4.15
CA LYS A 20 -2.17 3.42 4.94
C LYS A 20 -0.92 3.51 4.06
N ALA A 21 -0.35 4.71 3.97
CA ALA A 21 0.84 4.93 3.17
C ALA A 21 2.10 4.62 3.97
N PHE A 22 2.90 3.67 3.48
CA PHE A 22 4.13 3.29 4.15
C PHE A 22 5.34 3.90 3.46
N THR A 23 6.45 3.96 4.18
CA THR A 23 7.69 4.53 3.63
C THR A 23 8.52 3.48 2.92
N ARG A 24 8.43 2.24 3.40
CA ARG A 24 9.18 1.13 2.81
C ARG A 24 8.24 0.16 2.11
N ILE A 25 8.80 -0.92 1.56
CA ILE A 25 8.02 -1.92 0.86
C ILE A 25 7.70 -3.09 1.78
N PHE A 26 8.60 -3.37 2.71
CA PHE A 26 8.41 -4.48 3.65
C PHE A 26 7.41 -4.10 4.74
N HIS A 27 7.52 -2.88 5.24
CA HIS A 27 6.63 -2.39 6.29
C HIS A 27 5.17 -2.48 5.85
N LEU A 28 4.96 -2.44 4.53
CA LEU A 28 3.61 -2.52 3.97
C LEU A 28 3.14 -3.97 3.86
N THR A 29 4.05 -4.85 3.43
CA THR A 29 3.74 -6.26 3.29
C THR A 29 3.39 -6.89 4.63
N ARG A 30 4.15 -6.52 5.66
CA ARG A 30 3.92 -7.04 7.00
C ARG A 30 2.61 -6.53 7.58
N HIS A 31 2.01 -5.56 6.89
CA HIS A 31 0.74 -4.98 7.34
C HIS A 31 -0.44 -5.74 6.74
N GLN A 32 -0.41 -5.94 5.43
CA GLN A 32 -1.47 -6.64 4.74
C GLN A 32 -1.85 -7.93 5.48
N LYS A 33 -0.94 -8.41 6.31
CA LYS A 33 -1.17 -9.62 7.08
C LYS A 33 -2.51 -9.56 7.80
N ILE A 34 -2.88 -8.37 8.26
CA ILE A 34 -4.14 -8.18 8.96
C ILE A 34 -5.31 -8.18 8.00
N HIS A 35 -5.03 -7.91 6.73
CA HIS A 35 -6.06 -7.88 5.70
C HIS A 35 -6.32 -9.28 5.15
N THR A 36 -5.27 -9.92 4.66
CA THR A 36 -5.37 -11.26 4.10
C THR A 36 -5.75 -12.28 5.18
N ARG A 37 -6.79 -13.06 4.90
CA ARG A 37 -7.25 -14.07 5.84
C ARG A 37 -6.39 -15.32 5.77
N LYS A 38 -5.08 -15.12 5.76
CA LYS A 38 -4.13 -16.24 5.70
C LYS A 38 -4.33 -17.04 4.42
N SER A 39 -4.54 -16.35 3.31
CA SER A 39 -4.75 -17.00 2.02
C SER A 39 -3.68 -18.07 1.78
N GLY A 40 -2.49 -17.84 2.32
CA GLY A 40 -1.41 -18.79 2.15
C GLY A 40 -1.24 -19.70 3.34
N PRO A 41 -0.11 -20.42 3.39
CA PRO A 41 0.19 -21.35 4.49
C PRO A 41 0.48 -20.62 5.80
N SER A 42 0.45 -19.30 5.75
CA SER A 42 0.71 -18.49 6.94
C SER A 42 0.17 -19.17 8.19
N SER A 43 1.07 -19.50 9.11
CA SER A 43 0.69 -20.16 10.35
C SER A 43 -0.51 -19.47 10.99
N GLY A 44 -1.43 -20.26 11.54
CA GLY A 44 -2.61 -19.70 12.17
C GLY A 44 -2.31 -19.07 13.51
N GLY A 1 7.06 30.62 -16.36
CA GLY A 1 7.64 29.29 -16.36
C GLY A 1 6.59 28.19 -16.42
N SER A 2 6.44 27.59 -17.60
CA SER A 2 5.46 26.53 -17.78
C SER A 2 6.15 25.21 -18.14
N SER A 3 6.54 24.46 -17.12
CA SER A 3 7.22 23.18 -17.33
C SER A 3 6.52 22.07 -16.55
N GLY A 4 5.19 22.08 -16.59
CA GLY A 4 4.41 21.07 -15.88
C GLY A 4 4.59 21.15 -14.38
N SER A 5 3.48 21.34 -13.67
CA SER A 5 3.51 21.43 -12.22
C SER A 5 2.92 20.18 -11.58
N SER A 6 3.78 19.18 -11.35
CA SER A 6 3.35 17.93 -10.75
C SER A 6 3.85 17.82 -9.32
N GLY A 7 3.81 18.93 -8.58
CA GLY A 7 4.27 18.93 -7.21
C GLY A 7 5.49 18.05 -7.01
N THR A 8 5.30 16.92 -6.33
CA THR A 8 6.39 15.99 -6.07
C THR A 8 5.89 14.55 -6.00
N ASP A 9 6.42 13.71 -6.89
CA ASP A 9 6.02 12.31 -6.93
C ASP A 9 7.25 11.40 -6.93
N SER A 10 7.33 10.52 -5.94
CA SER A 10 8.45 9.60 -5.83
C SER A 10 7.99 8.21 -5.39
N LYS A 11 8.91 7.26 -5.37
CA LYS A 11 8.59 5.89 -4.96
C LYS A 11 7.93 5.87 -3.59
N SER A 12 6.89 5.07 -3.46
CA SER A 12 6.16 4.95 -2.19
C SER A 12 5.11 3.84 -2.26
N TYR A 13 5.17 2.92 -1.30
CA TYR A 13 4.22 1.81 -1.27
C TYR A 13 3.04 2.15 -0.36
N ASN A 14 1.84 2.18 -0.95
CA ASN A 14 0.63 2.48 -0.20
C ASN A 14 -0.32 1.29 -0.20
N CYS A 15 -1.25 1.28 0.74
CA CYS A 15 -2.22 0.20 0.86
C CYS A 15 -3.60 0.65 0.36
N ASN A 16 -4.34 -0.28 -0.22
CA ASN A 16 -5.67 0.01 -0.74
C ASN A 16 -6.76 -0.57 0.17
N GLU A 17 -6.42 -1.65 0.86
CA GLU A 17 -7.36 -2.30 1.77
C GLU A 17 -7.98 -1.29 2.72
N CYS A 18 -7.14 -0.42 3.28
CA CYS A 18 -7.60 0.60 4.21
C CYS A 18 -7.24 2.00 3.72
N GLY A 19 -6.01 2.16 3.25
CA GLY A 19 -5.56 3.44 2.75
C GLY A 19 -4.46 4.04 3.61
N LYS A 20 -3.33 3.34 3.70
CA LYS A 20 -2.21 3.81 4.48
C LYS A 20 -0.94 3.87 3.63
N ALA A 21 -0.12 4.89 3.87
CA ALA A 21 1.13 5.05 3.12
C ALA A 21 2.33 4.62 3.96
N PHE A 22 3.24 3.86 3.34
CA PHE A 22 4.43 3.39 4.04
C PHE A 22 5.69 3.77 3.27
N THR A 23 6.71 4.19 4.00
CA THR A 23 7.98 4.60 3.38
C THR A 23 8.63 3.42 2.66
N ARG A 24 8.82 2.32 3.39
CA ARG A 24 9.44 1.13 2.82
C ARG A 24 8.38 0.10 2.45
N ILE A 25 8.83 -1.03 1.92
CA ILE A 25 7.92 -2.11 1.53
C ILE A 25 7.84 -3.19 2.61
N PHE A 26 8.82 -3.17 3.52
CA PHE A 26 8.86 -4.15 4.60
C PHE A 26 7.57 -4.11 5.42
N HIS A 27 7.28 -2.94 5.99
CA HIS A 27 6.07 -2.76 6.79
C HIS A 27 4.82 -3.12 5.99
N LEU A 28 4.75 -2.60 4.77
CA LEU A 28 3.61 -2.86 3.90
C LEU A 28 3.34 -4.36 3.77
N THR A 29 4.41 -5.13 3.59
CA THR A 29 4.30 -6.57 3.45
C THR A 29 3.64 -7.19 4.68
N ARG A 30 4.08 -6.76 5.86
CA ARG A 30 3.53 -7.28 7.11
C ARG A 30 2.12 -6.75 7.34
N HIS A 31 1.87 -5.53 6.88
CA HIS A 31 0.55 -4.91 7.03
C HIS A 31 -0.50 -5.69 6.24
N GLN A 32 -0.36 -5.69 4.92
CA GLN A 32 -1.29 -6.39 4.04
C GLN A 32 -1.78 -7.68 4.70
N LYS A 33 -0.89 -8.36 5.39
CA LYS A 33 -1.23 -9.60 6.07
C LYS A 33 -2.37 -9.40 7.05
N ILE A 34 -2.28 -8.35 7.85
CA ILE A 34 -3.31 -8.04 8.84
C ILE A 34 -4.69 -8.07 8.20
N HIS A 35 -4.77 -7.70 6.92
CA HIS A 35 -6.03 -7.68 6.21
C HIS A 35 -6.47 -9.10 5.84
N THR A 36 -7.18 -9.75 6.77
CA THR A 36 -7.66 -11.11 6.54
C THR A 36 -9.12 -11.26 6.94
N ARG A 37 -9.97 -11.53 5.95
CA ARG A 37 -11.40 -11.69 6.21
C ARG A 37 -11.64 -12.63 7.39
N LYS A 38 -12.87 -12.64 7.89
CA LYS A 38 -13.23 -13.50 9.02
C LYS A 38 -13.32 -14.96 8.57
N SER A 39 -12.96 -15.86 9.48
CA SER A 39 -12.99 -17.29 9.19
C SER A 39 -12.97 -18.10 10.47
N GLY A 40 -13.94 -19.01 10.61
CA GLY A 40 -14.00 -19.84 11.80
C GLY A 40 -14.77 -19.19 12.93
N PRO A 41 -14.54 -19.66 14.17
CA PRO A 41 -15.21 -19.13 15.35
C PRO A 41 -14.75 -17.72 15.71
N SER A 42 -13.71 -17.25 15.01
CA SER A 42 -13.16 -15.92 15.25
C SER A 42 -14.28 -14.93 15.54
N SER A 43 -13.94 -13.85 16.24
CA SER A 43 -14.91 -12.82 16.59
C SER A 43 -15.11 -11.84 15.43
N GLY A 44 -16.07 -10.94 15.59
CA GLY A 44 -16.34 -9.97 14.55
C GLY A 44 -17.28 -10.50 13.48
N GLY A 1 -7.41 24.05 -8.51
CA GLY A 1 -8.54 23.31 -8.00
C GLY A 1 -9.02 22.23 -8.96
N SER A 2 -9.96 22.59 -9.82
CA SER A 2 -10.50 21.64 -10.80
C SER A 2 -9.40 20.79 -11.40
N SER A 3 -8.36 21.44 -11.90
CA SER A 3 -7.23 20.75 -12.51
C SER A 3 -5.92 21.11 -11.81
N GLY A 4 -5.48 20.24 -10.90
CA GLY A 4 -4.25 20.49 -10.18
C GLY A 4 -3.05 19.78 -10.81
N SER A 5 -2.01 19.58 -10.01
CA SER A 5 -0.80 18.92 -10.50
C SER A 5 0.10 18.51 -9.34
N SER A 6 0.86 17.44 -9.53
CA SER A 6 1.77 16.94 -8.50
C SER A 6 3.05 16.41 -9.12
N GLY A 7 4.18 16.86 -8.57
CA GLY A 7 5.47 16.43 -9.08
C GLY A 7 6.25 15.62 -8.06
N THR A 8 6.03 14.31 -8.04
CA THR A 8 6.71 13.43 -7.10
C THR A 8 7.87 12.70 -7.78
N ASP A 9 9.08 12.90 -7.26
CA ASP A 9 10.26 12.26 -7.82
C ASP A 9 10.74 11.12 -6.92
N SER A 10 9.78 10.38 -6.35
CA SER A 10 10.10 9.27 -5.47
C SER A 10 8.94 8.28 -5.39
N LYS A 11 9.27 7.01 -5.25
CA LYS A 11 8.24 5.96 -5.15
C LYS A 11 7.68 5.88 -3.74
N SER A 12 6.57 5.15 -3.59
CA SER A 12 5.93 5.00 -2.30
C SER A 12 4.77 4.00 -2.37
N TYR A 13 4.79 3.02 -1.50
CA TYR A 13 3.74 2.00 -1.46
C TYR A 13 2.60 2.42 -0.54
N ASN A 14 1.51 1.66 -0.59
CA ASN A 14 0.34 1.95 0.24
C ASN A 14 -0.62 0.77 0.25
N CYS A 15 -1.63 0.85 1.11
CA CYS A 15 -2.62 -0.22 1.23
C CYS A 15 -4.02 0.31 0.93
N ASN A 16 -4.31 0.51 -0.36
CA ASN A 16 -5.61 1.01 -0.78
C ASN A 16 -6.73 0.36 0.02
N GLU A 17 -6.54 -0.91 0.38
CA GLU A 17 -7.53 -1.65 1.15
C GLU A 17 -8.02 -0.83 2.34
N CYS A 18 -7.10 -0.50 3.24
CA CYS A 18 -7.44 0.28 4.42
C CYS A 18 -7.24 1.77 4.17
N GLY A 19 -6.10 2.12 3.59
CA GLY A 19 -5.80 3.51 3.30
C GLY A 19 -4.61 4.04 4.09
N LYS A 20 -3.51 3.30 4.03
CA LYS A 20 -2.30 3.69 4.75
C LYS A 20 -1.07 3.59 3.84
N ALA A 21 -0.46 4.73 3.56
CA ALA A 21 0.73 4.77 2.71
C ALA A 21 2.00 4.52 3.52
N PHE A 22 2.75 3.50 3.12
CA PHE A 22 3.98 3.15 3.82
C PHE A 22 5.20 3.49 2.96
N THR A 23 6.18 4.16 3.57
CA THR A 23 7.39 4.55 2.86
C THR A 23 8.29 3.33 2.60
N ARG A 24 8.17 2.33 3.47
CA ARG A 24 8.97 1.11 3.34
C ARG A 24 8.19 0.03 2.61
N ILE A 25 8.91 -0.86 1.93
CA ILE A 25 8.29 -1.95 1.19
C ILE A 25 8.02 -3.14 2.11
N PHE A 26 8.92 -3.38 3.05
CA PHE A 26 8.79 -4.48 3.99
C PHE A 26 7.73 -4.18 5.05
N HIS A 27 7.69 -2.93 5.50
CA HIS A 27 6.72 -2.50 6.51
C HIS A 27 5.30 -2.72 6.01
N LEU A 28 5.08 -2.49 4.72
CA LEU A 28 3.76 -2.65 4.13
C LEU A 28 3.38 -4.12 4.04
N THR A 29 4.35 -4.95 3.66
CA THR A 29 4.13 -6.39 3.54
C THR A 29 3.71 -7.00 4.87
N ARG A 30 4.42 -6.64 5.92
CA ARG A 30 4.13 -7.15 7.26
C ARG A 30 2.78 -6.64 7.75
N HIS A 31 2.26 -5.61 7.09
CA HIS A 31 0.99 -5.03 7.46
C HIS A 31 -0.15 -5.70 6.70
N GLN A 32 -0.08 -5.67 5.37
CA GLN A 32 -1.11 -6.27 4.53
C GLN A 32 -1.60 -7.58 5.13
N LYS A 33 -0.75 -8.23 5.91
CA LYS A 33 -1.09 -9.49 6.56
C LYS A 33 -2.44 -9.39 7.25
N ILE A 34 -2.62 -8.33 8.03
CA ILE A 34 -3.87 -8.12 8.76
C ILE A 34 -5.07 -8.23 7.82
N HIS A 35 -4.83 -8.06 6.52
CA HIS A 35 -5.89 -8.15 5.53
C HIS A 35 -6.00 -9.56 4.97
N THR A 36 -5.97 -10.55 5.86
CA THR A 36 -6.06 -11.95 5.46
C THR A 36 -7.41 -12.54 5.84
N ARG A 37 -7.91 -13.45 5.01
CA ARG A 37 -9.20 -14.09 5.26
C ARG A 37 -9.03 -15.30 6.17
N LYS A 38 -9.82 -15.34 7.24
CA LYS A 38 -9.76 -16.44 8.20
C LYS A 38 -10.92 -17.42 7.97
N SER A 39 -10.99 -18.44 8.82
CA SER A 39 -12.05 -19.43 8.72
C SER A 39 -13.38 -18.88 9.20
N GLY A 40 -14.05 -18.13 8.32
CA GLY A 40 -15.34 -17.55 8.68
C GLY A 40 -15.65 -16.32 7.85
N PRO A 41 -16.95 -16.05 7.66
CA PRO A 41 -17.42 -14.90 6.89
C PRO A 41 -17.15 -13.57 7.60
N SER A 42 -17.53 -13.50 8.87
CA SER A 42 -17.33 -12.29 9.66
C SER A 42 -17.49 -11.05 8.80
N SER A 43 -18.51 -11.05 7.94
CA SER A 43 -18.76 -9.93 7.05
C SER A 43 -19.63 -8.87 7.73
N GLY A 44 -19.53 -7.63 7.27
CA GLY A 44 -20.31 -6.56 7.85
C GLY A 44 -19.56 -5.25 7.89
N GLY A 1 20.06 22.99 -20.67
CA GLY A 1 19.11 24.07 -20.53
C GLY A 1 18.52 24.16 -19.14
N SER A 2 17.76 25.22 -18.90
CA SER A 2 17.14 25.42 -17.59
C SER A 2 15.79 24.70 -17.51
N SER A 3 15.41 24.30 -16.30
CA SER A 3 14.14 23.60 -16.09
C SER A 3 13.68 23.73 -14.64
N GLY A 4 12.51 23.18 -14.35
CA GLY A 4 11.98 23.25 -13.01
C GLY A 4 12.65 22.29 -12.06
N SER A 5 13.79 22.71 -11.51
CA SER A 5 14.55 21.86 -10.58
C SER A 5 13.75 21.59 -9.32
N SER A 6 13.14 20.41 -9.26
CA SER A 6 12.34 20.02 -8.11
C SER A 6 12.15 18.50 -8.06
N GLY A 7 12.04 17.97 -6.85
CA GLY A 7 11.86 16.54 -6.68
C GLY A 7 10.66 16.20 -5.83
N THR A 8 9.47 16.30 -6.42
CA THR A 8 8.24 15.99 -5.72
C THR A 8 7.94 14.50 -5.73
N ASP A 9 7.89 13.92 -6.92
CA ASP A 9 7.61 12.50 -7.07
C ASP A 9 8.68 11.67 -6.36
N SER A 10 8.26 10.52 -5.83
CA SER A 10 9.17 9.64 -5.11
C SER A 10 8.52 8.29 -4.84
N LYS A 11 9.17 7.23 -5.29
CA LYS A 11 8.65 5.86 -5.10
C LYS A 11 8.08 5.70 -3.70
N SER A 12 6.91 5.06 -3.61
CA SER A 12 6.26 4.84 -2.33
C SER A 12 5.22 3.72 -2.43
N TYR A 13 4.86 3.15 -1.29
CA TYR A 13 3.89 2.06 -1.25
C TYR A 13 2.70 2.44 -0.38
N ASN A 14 1.52 1.90 -0.72
CA ASN A 14 0.31 2.18 0.02
C ASN A 14 -0.61 0.96 0.02
N CYS A 15 -1.39 0.81 1.09
CA CYS A 15 -2.32 -0.31 1.21
C CYS A 15 -3.67 0.04 0.58
N ASN A 16 -4.03 -0.71 -0.46
CA ASN A 16 -5.29 -0.49 -1.15
C ASN A 16 -6.42 -1.27 -0.50
N GLU A 17 -6.40 -1.32 0.83
CA GLU A 17 -7.42 -2.04 1.59
C GLU A 17 -8.02 -1.15 2.68
N CYS A 18 -7.18 -0.27 3.24
CA CYS A 18 -7.63 0.63 4.29
C CYS A 18 -7.28 2.08 3.95
N GLY A 19 -6.05 2.30 3.51
CA GLY A 19 -5.62 3.63 3.15
C GLY A 19 -4.46 4.12 4.02
N LYS A 20 -3.30 3.51 3.84
CA LYS A 20 -2.12 3.88 4.61
C LYS A 20 -0.86 3.79 3.75
N ALA A 21 -0.19 4.92 3.56
CA ALA A 21 1.03 4.96 2.77
C ALA A 21 2.26 4.74 3.64
N PHE A 22 3.09 3.78 3.24
CA PHE A 22 4.30 3.46 3.98
C PHE A 22 5.55 3.85 3.19
N THR A 23 6.59 4.27 3.90
CA THR A 23 7.83 4.68 3.27
C THR A 23 8.59 3.47 2.72
N ARG A 24 8.61 2.39 3.49
CA ARG A 24 9.30 1.16 3.08
C ARG A 24 8.36 0.25 2.31
N ILE A 25 8.91 -0.83 1.76
CA ILE A 25 8.12 -1.78 0.98
C ILE A 25 7.82 -3.04 1.81
N PHE A 26 8.71 -3.35 2.75
CA PHE A 26 8.53 -4.51 3.61
C PHE A 26 7.56 -4.21 4.74
N HIS A 27 7.67 -3.02 5.32
CA HIS A 27 6.80 -2.62 6.42
C HIS A 27 5.34 -2.76 6.03
N LEU A 28 5.01 -2.39 4.80
CA LEU A 28 3.63 -2.48 4.31
C LEU A 28 3.20 -3.93 4.19
N THR A 29 4.05 -4.76 3.60
CA THR A 29 3.76 -6.18 3.43
C THR A 29 3.32 -6.82 4.75
N ARG A 30 4.08 -6.54 5.81
CA ARG A 30 3.77 -7.09 7.12
C ARG A 30 2.37 -6.69 7.56
N HIS A 31 1.95 -5.49 7.20
CA HIS A 31 0.62 -4.99 7.54
C HIS A 31 -0.46 -5.74 6.77
N GLN A 32 -0.40 -5.65 5.44
CA GLN A 32 -1.37 -6.31 4.59
C GLN A 32 -1.76 -7.67 5.15
N LYS A 33 -0.85 -8.28 5.91
CA LYS A 33 -1.09 -9.58 6.51
C LYS A 33 -2.42 -9.60 7.25
N ILE A 34 -2.65 -8.58 8.07
CA ILE A 34 -3.90 -8.47 8.83
C ILE A 34 -5.11 -8.45 7.91
N HIS A 35 -4.93 -7.88 6.72
CA HIS A 35 -6.01 -7.79 5.74
C HIS A 35 -6.30 -9.16 5.13
N THR A 36 -5.30 -10.02 5.12
CA THR A 36 -5.44 -11.36 4.55
C THR A 36 -6.69 -12.05 5.11
N ARG A 37 -7.12 -11.63 6.30
CA ARG A 37 -8.29 -12.21 6.93
C ARG A 37 -9.45 -11.20 6.94
N LYS A 38 -9.76 -10.65 5.77
CA LYS A 38 -10.83 -9.68 5.64
C LYS A 38 -12.02 -10.07 6.52
N SER A 39 -12.17 -11.37 6.76
CA SER A 39 -13.27 -11.87 7.58
C SER A 39 -13.49 -10.99 8.80
N GLY A 40 -12.41 -10.66 9.49
CA GLY A 40 -12.50 -9.81 10.67
C GLY A 40 -12.21 -10.57 11.95
N PRO A 41 -12.70 -10.04 13.08
CA PRO A 41 -12.51 -10.66 14.39
C PRO A 41 -13.29 -11.95 14.54
N SER A 42 -14.48 -12.00 13.96
CA SER A 42 -15.33 -13.17 14.04
C SER A 42 -14.53 -14.44 13.76
N SER A 43 -14.91 -15.53 14.42
CA SER A 43 -14.22 -16.80 14.25
C SER A 43 -12.72 -16.60 14.13
N GLY A 44 -12.18 -15.69 14.93
CA GLY A 44 -10.76 -15.41 14.89
C GLY A 44 -10.43 -14.00 15.32
N GLY A 1 -7.07 19.45 -19.76
CA GLY A 1 -5.64 19.25 -19.94
C GLY A 1 -4.84 19.67 -18.73
N SER A 2 -4.68 18.76 -17.78
CA SER A 2 -3.93 19.04 -16.57
C SER A 2 -2.45 18.73 -16.75
N SER A 3 -1.59 19.60 -16.23
CA SER A 3 -0.15 19.42 -16.35
C SER A 3 0.48 19.16 -14.97
N GLY A 4 1.61 18.45 -14.97
CA GLY A 4 2.28 18.16 -13.73
C GLY A 4 3.40 19.13 -13.43
N SER A 5 3.39 19.70 -12.22
CA SER A 5 4.40 20.66 -11.81
C SER A 5 5.59 19.95 -11.16
N SER A 6 5.29 19.12 -10.18
CA SER A 6 6.34 18.38 -9.47
C SER A 6 6.79 17.16 -10.27
N GLY A 7 8.04 17.18 -10.73
CA GLY A 7 8.56 16.07 -11.49
C GLY A 7 8.64 14.79 -10.70
N THR A 8 7.90 13.77 -11.13
CA THR A 8 7.89 12.50 -10.43
C THR A 8 9.29 11.91 -10.34
N ASP A 9 9.90 12.04 -9.17
CA ASP A 9 11.25 11.53 -8.95
C ASP A 9 11.21 10.25 -8.12
N SER A 10 10.55 10.30 -6.97
CA SER A 10 10.44 9.14 -6.09
C SER A 10 9.03 8.55 -6.14
N LYS A 11 8.83 7.44 -5.44
CA LYS A 11 7.53 6.78 -5.40
C LYS A 11 7.09 6.54 -3.96
N SER A 12 5.87 6.03 -3.79
CA SER A 12 5.33 5.75 -2.47
C SER A 12 4.48 4.49 -2.49
N TYR A 13 4.45 3.78 -1.36
CA TYR A 13 3.67 2.55 -1.25
C TYR A 13 2.50 2.74 -0.30
N ASN A 14 1.31 2.38 -0.77
CA ASN A 14 0.10 2.51 0.04
C ASN A 14 -0.66 1.19 0.11
N CYS A 15 -1.34 0.96 1.22
CA CYS A 15 -2.10 -0.27 1.41
C CYS A 15 -3.53 -0.10 0.90
N ASN A 16 -3.70 -0.17 -0.41
CA ASN A 16 -5.01 -0.02 -1.02
C ASN A 16 -6.09 -0.67 -0.16
N GLU A 17 -5.76 -1.79 0.47
CA GLU A 17 -6.69 -2.49 1.33
C GLU A 17 -7.42 -1.52 2.26
N CYS A 18 -6.65 -0.83 3.09
CA CYS A 18 -7.22 0.13 4.03
C CYS A 18 -6.95 1.56 3.57
N GLY A 19 -5.73 1.80 3.11
CA GLY A 19 -5.37 3.13 2.65
C GLY A 19 -4.33 3.79 3.54
N LYS A 20 -3.20 3.11 3.72
CA LYS A 20 -2.12 3.64 4.56
C LYS A 20 -0.79 3.59 3.82
N ALA A 21 -0.08 4.72 3.82
CA ALA A 21 1.21 4.80 3.15
C ALA A 21 2.34 4.34 4.07
N PHE A 22 3.18 3.44 3.58
CA PHE A 22 4.30 2.93 4.36
C PHE A 22 5.63 3.33 3.73
N THR A 23 6.38 4.16 4.44
CA THR A 23 7.68 4.61 3.95
C THR A 23 8.51 3.45 3.44
N ARG A 24 8.36 2.29 4.07
CA ARG A 24 9.10 1.10 3.67
C ARG A 24 8.25 0.20 2.78
N ILE A 25 8.91 -0.69 2.06
CA ILE A 25 8.21 -1.61 1.16
C ILE A 25 7.85 -2.91 1.89
N PHE A 26 8.71 -3.33 2.81
CA PHE A 26 8.48 -4.55 3.57
C PHE A 26 7.45 -4.32 4.67
N HIS A 27 7.55 -3.19 5.36
CA HIS A 27 6.63 -2.86 6.43
C HIS A 27 5.20 -2.84 5.92
N LEU A 28 5.04 -2.78 4.60
CA LEU A 28 3.71 -2.75 3.99
C LEU A 28 3.17 -4.17 3.83
N THR A 29 3.90 -5.00 3.08
CA THR A 29 3.49 -6.37 2.84
C THR A 29 3.15 -7.08 4.15
N ARG A 30 3.99 -6.88 5.16
CA ARG A 30 3.77 -7.50 6.47
C ARG A 30 2.50 -6.96 7.12
N HIS A 31 2.16 -5.73 6.79
CA HIS A 31 0.96 -5.09 7.34
C HIS A 31 -0.31 -5.69 6.74
N GLN A 32 -0.38 -5.69 5.41
CA GLN A 32 -1.54 -6.23 4.71
C GLN A 32 -2.05 -7.49 5.40
N LYS A 33 -1.15 -8.18 6.10
CA LYS A 33 -1.50 -9.40 6.80
C LYS A 33 -2.73 -9.19 7.67
N ILE A 34 -2.72 -8.13 8.46
CA ILE A 34 -3.83 -7.82 9.35
C ILE A 34 -5.16 -7.93 8.61
N HIS A 35 -5.12 -7.80 7.29
CA HIS A 35 -6.32 -7.88 6.47
C HIS A 35 -6.64 -9.33 6.12
N THR A 36 -6.40 -10.23 7.07
CA THR A 36 -6.66 -11.64 6.86
C THR A 36 -7.70 -12.17 7.84
N ARG A 37 -8.75 -11.39 8.06
CA ARG A 37 -9.81 -11.77 8.98
C ARG A 37 -11.15 -11.89 8.25
N LYS A 38 -11.25 -11.25 7.09
CA LYS A 38 -12.46 -11.28 6.30
C LYS A 38 -12.38 -12.35 5.22
N SER A 39 -13.52 -12.92 4.85
CA SER A 39 -13.57 -13.96 3.83
C SER A 39 -12.84 -15.22 4.29
N GLY A 40 -12.98 -15.55 5.57
CA GLY A 40 -12.33 -16.72 6.11
C GLY A 40 -12.75 -17.03 7.54
N PRO A 41 -12.80 -18.32 7.88
CA PRO A 41 -13.20 -18.77 9.22
C PRO A 41 -12.15 -18.42 10.28
N SER A 42 -12.55 -18.51 11.55
CA SER A 42 -11.65 -18.20 12.65
C SER A 42 -10.54 -19.25 12.75
N SER A 43 -9.31 -18.78 12.92
CA SER A 43 -8.16 -19.67 13.03
C SER A 43 -7.78 -19.90 14.49
N GLY A 44 -8.37 -20.91 15.10
CA GLY A 44 -8.08 -21.22 16.49
C GLY A 44 -9.30 -21.75 17.23
N GLY A 1 12.37 17.79 -28.85
CA GLY A 1 12.38 16.44 -28.30
C GLY A 1 12.74 16.42 -26.82
N SER A 2 12.03 15.60 -26.06
CA SER A 2 12.28 15.49 -24.63
C SER A 2 12.59 14.05 -24.23
N SER A 3 13.73 13.86 -23.58
CA SER A 3 14.13 12.52 -23.15
C SER A 3 13.00 11.80 -22.42
N GLY A 4 12.21 12.58 -21.69
CA GLY A 4 11.10 12.00 -20.95
C GLY A 4 11.55 11.28 -19.70
N SER A 5 10.89 11.58 -18.58
CA SER A 5 11.24 10.95 -17.30
C SER A 5 10.68 9.54 -17.23
N SER A 6 11.57 8.56 -17.06
CA SER A 6 11.17 7.16 -16.97
C SER A 6 10.34 6.91 -15.71
N GLY A 7 9.04 6.68 -15.90
CA GLY A 7 8.17 6.42 -14.77
C GLY A 7 8.15 7.57 -13.78
N THR A 8 8.57 7.29 -12.55
CA THR A 8 8.59 8.31 -11.51
C THR A 8 9.84 8.18 -10.65
N ASP A 9 10.56 9.29 -10.49
CA ASP A 9 11.78 9.30 -9.70
C ASP A 9 11.50 8.87 -8.26
N SER A 10 10.43 9.41 -7.69
CA SER A 10 10.06 9.09 -6.32
C SER A 10 8.77 8.27 -6.29
N LYS A 11 8.78 7.21 -5.50
CA LYS A 11 7.61 6.34 -5.37
C LYS A 11 7.24 6.12 -3.91
N SER A 12 6.13 5.43 -3.67
CA SER A 12 5.67 5.16 -2.32
C SER A 12 4.91 3.84 -2.26
N TYR A 13 4.90 3.23 -1.08
CA TYR A 13 4.21 1.95 -0.89
C TYR A 13 3.05 2.11 0.09
N ASN A 14 1.85 2.30 -0.45
CA ASN A 14 0.66 2.46 0.37
C ASN A 14 -0.21 1.20 0.32
N CYS A 15 -1.04 1.02 1.34
CA CYS A 15 -1.92 -0.14 1.42
C CYS A 15 -3.22 0.11 0.67
N ASN A 16 -3.62 -0.86 -0.15
CA ASN A 16 -4.86 -0.73 -0.92
C ASN A 16 -5.97 -1.59 -0.32
N GLU A 17 -6.03 -1.63 1.00
CA GLU A 17 -7.04 -2.42 1.70
C GLU A 17 -7.77 -1.58 2.74
N CYS A 18 -7.03 -0.65 3.36
CA CYS A 18 -7.60 0.21 4.38
C CYS A 18 -7.41 1.68 4.02
N GLY A 19 -6.24 2.01 3.48
CA GLY A 19 -5.95 3.38 3.10
C GLY A 19 -4.84 4.00 3.92
N LYS A 20 -3.72 3.29 4.04
CA LYS A 20 -2.58 3.78 4.80
C LYS A 20 -1.35 3.93 3.92
N ALA A 21 -0.32 4.58 4.44
CA ALA A 21 0.91 4.80 3.69
C ALA A 21 2.12 4.27 4.47
N PHE A 22 3.09 3.71 3.75
CA PHE A 22 4.29 3.17 4.37
C PHE A 22 5.52 3.47 3.52
N THR A 23 6.43 4.28 4.07
CA THR A 23 7.65 4.65 3.37
C THR A 23 8.48 3.42 3.03
N ARG A 24 8.32 2.36 3.81
CA ARG A 24 9.05 1.12 3.59
C ARG A 24 8.17 0.08 2.92
N ILE A 25 8.77 -0.68 2.00
CA ILE A 25 8.05 -1.71 1.28
C ILE A 25 7.79 -2.93 2.17
N PHE A 26 8.79 -3.31 2.96
CA PHE A 26 8.66 -4.45 3.86
C PHE A 26 7.66 -4.16 4.96
N HIS A 27 7.63 -2.92 5.42
CA HIS A 27 6.71 -2.52 6.48
C HIS A 27 5.27 -2.52 5.97
N LEU A 28 5.11 -2.46 4.65
CA LEU A 28 3.78 -2.45 4.05
C LEU A 28 3.27 -3.87 3.86
N THR A 29 4.09 -4.72 3.25
CA THR A 29 3.71 -6.11 3.01
C THR A 29 3.32 -6.81 4.31
N ARG A 30 4.11 -6.58 5.36
CA ARG A 30 3.84 -7.20 6.65
C ARG A 30 2.54 -6.68 7.24
N HIS A 31 1.98 -5.63 6.62
CA HIS A 31 0.74 -5.05 7.08
C HIS A 31 -0.45 -5.58 6.28
N GLN A 32 -0.35 -5.45 4.96
CA GLN A 32 -1.41 -5.92 4.07
C GLN A 32 -1.88 -7.31 4.46
N LYS A 33 -1.02 -8.04 5.18
CA LYS A 33 -1.34 -9.39 5.62
C LYS A 33 -2.07 -9.37 6.95
N ILE A 34 -2.67 -8.23 7.27
CA ILE A 34 -3.40 -8.08 8.54
C ILE A 34 -4.89 -7.83 8.28
N HIS A 35 -5.24 -7.68 7.01
CA HIS A 35 -6.64 -7.43 6.63
C HIS A 35 -7.32 -8.74 6.23
N THR A 36 -7.11 -9.78 7.02
CA THR A 36 -7.71 -11.08 6.74
C THR A 36 -8.95 -11.30 7.59
N ARG A 37 -8.83 -11.03 8.89
CA ARG A 37 -9.95 -11.19 9.81
C ARG A 37 -10.92 -10.02 9.72
N LYS A 38 -12.03 -10.11 10.44
CA LYS A 38 -13.03 -9.06 10.45
C LYS A 38 -12.42 -7.73 10.87
N SER A 39 -12.37 -6.78 9.95
CA SER A 39 -11.81 -5.46 10.23
C SER A 39 -12.89 -4.39 10.18
N GLY A 40 -13.61 -4.33 9.06
CA GLY A 40 -14.66 -3.35 8.91
C GLY A 40 -14.19 -2.10 8.17
N PRO A 41 -14.16 -2.19 6.83
CA PRO A 41 -13.73 -1.07 5.99
C PRO A 41 -14.73 0.07 5.99
N SER A 42 -14.38 1.17 6.67
CA SER A 42 -15.25 2.33 6.75
C SER A 42 -16.59 1.96 7.38
N SER A 43 -16.54 1.16 8.43
CA SER A 43 -17.75 0.72 9.12
C SER A 43 -17.50 0.60 10.63
N GLY A 44 -18.58 0.56 11.39
CA GLY A 44 -18.46 0.44 12.83
C GLY A 44 -19.24 -0.74 13.39
N GLY A 1 4.62 25.56 4.73
CA GLY A 1 6.01 25.96 4.65
C GLY A 1 6.43 26.37 3.25
N SER A 2 7.23 25.53 2.61
CA SER A 2 7.71 25.80 1.26
C SER A 2 7.26 24.70 0.29
N SER A 3 7.44 24.96 -0.99
CA SER A 3 7.06 23.99 -2.03
C SER A 3 8.19 23.78 -3.02
N GLY A 4 8.63 22.53 -3.15
CA GLY A 4 9.71 22.21 -4.07
C GLY A 4 10.34 20.87 -3.78
N SER A 5 10.51 20.07 -4.83
CA SER A 5 11.10 18.73 -4.68
C SER A 5 12.26 18.55 -5.66
N SER A 6 13.11 17.56 -5.37
CA SER A 6 14.26 17.28 -6.22
C SER A 6 13.89 16.26 -7.31
N GLY A 7 14.14 16.62 -8.56
CA GLY A 7 13.83 15.73 -9.67
C GLY A 7 12.37 15.33 -9.70
N THR A 8 11.95 14.71 -10.80
CA THR A 8 10.57 14.27 -10.95
C THR A 8 10.44 12.77 -10.73
N ASP A 9 11.22 12.25 -9.79
CA ASP A 9 11.19 10.82 -9.48
C ASP A 9 11.02 10.59 -7.98
N SER A 10 9.96 9.88 -7.61
CA SER A 10 9.69 9.60 -6.21
C SER A 10 8.86 8.32 -6.06
N LYS A 11 9.27 7.46 -5.14
CA LYS A 11 8.56 6.21 -4.89
C LYS A 11 7.76 6.26 -3.60
N SER A 12 6.64 5.55 -3.57
CA SER A 12 5.78 5.53 -2.39
C SER A 12 4.80 4.36 -2.46
N TYR A 13 4.71 3.61 -1.37
CA TYR A 13 3.81 2.47 -1.30
C TYR A 13 2.70 2.71 -0.28
N ASN A 14 1.46 2.49 -0.71
CA ASN A 14 0.31 2.69 0.16
C ASN A 14 -0.67 1.54 0.02
N CYS A 15 -1.14 1.02 1.15
CA CYS A 15 -2.08 -0.09 1.17
C CYS A 15 -3.46 0.36 0.69
N ASN A 16 -4.06 -0.44 -0.19
CA ASN A 16 -5.38 -0.12 -0.74
C ASN A 16 -6.48 -0.78 0.08
N GLU A 17 -6.16 -1.93 0.68
CA GLU A 17 -7.12 -2.66 1.49
C GLU A 17 -7.77 -1.74 2.52
N CYS A 18 -6.95 -0.95 3.20
CA CYS A 18 -7.43 -0.04 4.22
C CYS A 18 -7.23 1.41 3.79
N GLY A 19 -6.02 1.71 3.32
CA GLY A 19 -5.70 3.07 2.88
C GLY A 19 -4.67 3.73 3.76
N LYS A 20 -3.46 3.17 3.78
CA LYS A 20 -2.38 3.72 4.58
C LYS A 20 -1.09 3.81 3.77
N ALA A 21 -0.38 4.91 3.92
CA ALA A 21 0.88 5.12 3.21
C ALA A 21 2.07 4.74 4.06
N PHE A 22 2.96 3.92 3.52
CA PHE A 22 4.15 3.47 4.24
C PHE A 22 5.41 3.95 3.55
N THR A 23 6.52 3.97 4.29
CA THR A 23 7.80 4.41 3.75
C THR A 23 8.66 3.23 3.33
N ARG A 24 8.49 2.11 4.05
CA ARG A 24 9.26 0.90 3.77
C ARG A 24 8.51 0.00 2.79
N ILE A 25 9.22 -0.96 2.22
CA ILE A 25 8.62 -1.90 1.27
C ILE A 25 8.17 -3.18 1.96
N PHE A 26 8.89 -3.55 3.01
CA PHE A 26 8.56 -4.76 3.76
C PHE A 26 7.51 -4.46 4.84
N HIS A 27 7.44 -3.21 5.26
CA HIS A 27 6.48 -2.80 6.28
C HIS A 27 5.07 -2.84 5.73
N LEU A 28 4.92 -2.51 4.46
CA LEU A 28 3.61 -2.51 3.81
C LEU A 28 3.11 -3.94 3.58
N THR A 29 4.02 -4.80 3.11
CA THR A 29 3.68 -6.19 2.84
C THR A 29 3.30 -6.91 4.12
N ARG A 30 4.11 -6.75 5.16
CA ARG A 30 3.85 -7.40 6.43
C ARG A 30 2.62 -6.80 7.11
N HIS A 31 2.16 -5.68 6.59
CA HIS A 31 0.98 -5.01 7.13
C HIS A 31 -0.31 -5.60 6.56
N GLN A 32 -0.47 -5.48 5.25
CA GLN A 32 -1.66 -6.00 4.59
C GLN A 32 -2.11 -7.30 5.23
N LYS A 33 -1.16 -8.06 5.76
CA LYS A 33 -1.47 -9.34 6.41
C LYS A 33 -2.63 -9.18 7.38
N ILE A 34 -2.55 -8.17 8.24
CA ILE A 34 -3.61 -7.92 9.22
C ILE A 34 -4.99 -8.07 8.59
N HIS A 35 -5.06 -7.89 7.28
CA HIS A 35 -6.32 -8.01 6.55
C HIS A 35 -6.65 -9.47 6.28
N THR A 36 -7.43 -10.08 7.18
CA THR A 36 -7.81 -11.48 7.03
C THR A 36 -9.32 -11.62 6.92
N ARG A 37 -10.04 -11.21 7.96
CA ARG A 37 -11.49 -11.29 7.98
C ARG A 37 -12.12 -9.94 7.68
N LYS A 38 -12.57 -9.75 6.45
CA LYS A 38 -13.19 -8.50 6.04
C LYS A 38 -14.38 -8.16 6.93
N SER A 39 -14.97 -9.19 7.54
CA SER A 39 -16.11 -9.01 8.42
C SER A 39 -16.51 -10.32 9.09
N GLY A 40 -17.27 -10.23 10.17
CA GLY A 40 -17.71 -11.41 10.88
C GLY A 40 -17.17 -11.47 12.30
N PRO A 41 -17.96 -12.04 13.22
CA PRO A 41 -17.58 -12.17 14.62
C PRO A 41 -16.45 -13.18 14.83
N SER A 42 -15.47 -12.79 15.64
CA SER A 42 -14.32 -13.66 15.91
C SER A 42 -14.79 -15.07 16.27
N SER A 43 -13.98 -16.06 15.90
CA SER A 43 -14.31 -17.45 16.17
C SER A 43 -14.83 -17.61 17.60
N GLY A 44 -14.34 -16.77 18.51
CA GLY A 44 -14.77 -16.83 19.88
C GLY A 44 -13.84 -16.08 20.82
N GLY A 1 4.90 25.21 -23.05
CA GLY A 1 5.73 24.84 -21.91
C GLY A 1 7.20 25.07 -22.16
N SER A 2 7.96 25.32 -21.09
CA SER A 2 9.39 25.57 -21.22
C SER A 2 10.19 24.33 -20.79
N SER A 3 10.57 23.53 -21.76
CA SER A 3 11.34 22.31 -21.49
C SER A 3 10.60 21.41 -20.51
N GLY A 4 9.29 21.27 -20.71
CA GLY A 4 8.49 20.44 -19.83
C GLY A 4 8.50 20.92 -18.40
N SER A 5 7.33 21.04 -17.80
CA SER A 5 7.22 21.51 -16.43
C SER A 5 6.86 20.35 -15.50
N SER A 6 7.49 19.20 -15.73
CA SER A 6 7.26 18.01 -14.92
C SER A 6 8.42 17.04 -15.03
N GLY A 7 8.76 16.39 -13.91
CA GLY A 7 9.85 15.44 -13.90
C GLY A 7 9.60 14.29 -12.94
N THR A 8 10.42 13.24 -13.06
CA THR A 8 10.29 12.08 -12.20
C THR A 8 10.13 12.48 -10.74
N ASP A 9 9.48 11.63 -9.95
CA ASP A 9 9.27 11.90 -8.54
C ASP A 9 9.33 10.61 -7.73
N SER A 10 9.77 10.72 -6.47
CA SER A 10 9.89 9.57 -5.60
C SER A 10 8.53 8.87 -5.45
N LYS A 11 8.54 7.55 -5.65
CA LYS A 11 7.32 6.76 -5.55
C LYS A 11 6.96 6.50 -4.09
N SER A 12 5.92 5.71 -3.87
CA SER A 12 5.48 5.38 -2.52
C SER A 12 4.58 4.14 -2.52
N TYR A 13 4.55 3.44 -1.39
CA TYR A 13 3.74 2.23 -1.26
C TYR A 13 2.53 2.49 -0.37
N ASN A 14 1.35 2.48 -0.97
CA ASN A 14 0.11 2.71 -0.23
C ASN A 14 -0.77 1.46 -0.25
N CYS A 15 -1.41 1.17 0.88
CA CYS A 15 -2.28 0.02 1.00
C CYS A 15 -3.65 0.30 0.39
N ASN A 16 -4.04 -0.49 -0.60
CA ASN A 16 -5.32 -0.31 -1.27
C ASN A 16 -6.40 -1.16 -0.60
N GLU A 17 -6.26 -1.37 0.70
CA GLU A 17 -7.21 -2.16 1.47
C GLU A 17 -7.76 -1.36 2.64
N CYS A 18 -6.97 -0.42 3.15
CA CYS A 18 -7.37 0.40 4.27
C CYS A 18 -7.12 1.88 3.97
N GLY A 19 -6.07 2.16 3.21
CA GLY A 19 -5.75 3.53 2.87
C GLY A 19 -4.60 4.08 3.70
N LYS A 20 -3.45 3.43 3.61
CA LYS A 20 -2.27 3.86 4.36
C LYS A 20 -1.05 3.96 3.46
N ALA A 21 0.04 4.48 4.00
CA ALA A 21 1.29 4.62 3.24
C ALA A 21 2.50 4.22 4.07
N PHE A 22 3.28 3.28 3.56
CA PHE A 22 4.46 2.81 4.27
C PHE A 22 5.73 3.18 3.49
N THR A 23 6.56 4.02 4.09
CA THR A 23 7.80 4.46 3.47
C THR A 23 8.69 3.27 3.13
N ARG A 24 8.36 2.10 3.69
CA ARG A 24 9.13 0.89 3.45
C ARG A 24 8.29 -0.15 2.71
N ILE A 25 8.96 -1.03 1.98
CA ILE A 25 8.28 -2.07 1.23
C ILE A 25 8.11 -3.34 2.07
N PHE A 26 9.01 -3.52 3.03
CA PHE A 26 8.97 -4.68 3.91
C PHE A 26 7.89 -4.53 4.97
N HIS A 27 7.81 -3.34 5.57
CA HIS A 27 6.82 -3.07 6.60
C HIS A 27 5.40 -3.26 6.06
N LEU A 28 5.13 -2.66 4.90
CA LEU A 28 3.82 -2.76 4.27
C LEU A 28 3.40 -4.22 4.12
N THR A 29 4.30 -5.05 3.62
CA THR A 29 4.03 -6.46 3.43
C THR A 29 3.52 -7.10 4.71
N ARG A 30 4.16 -6.77 5.83
CA ARG A 30 3.77 -7.32 7.12
C ARG A 30 2.42 -6.75 7.56
N HIS A 31 2.12 -5.54 7.11
CA HIS A 31 0.86 -4.89 7.46
C HIS A 31 -0.32 -5.56 6.77
N GLN A 32 -0.26 -5.64 5.44
CA GLN A 32 -1.32 -6.27 4.66
C GLN A 32 -1.80 -7.55 5.33
N LYS A 33 -0.93 -8.15 6.14
CA LYS A 33 -1.26 -9.38 6.84
C LYS A 33 -2.61 -9.27 7.54
N ILE A 34 -2.81 -8.16 8.25
CA ILE A 34 -4.06 -7.93 8.96
C ILE A 34 -5.24 -7.92 8.00
N HIS A 35 -4.96 -7.71 6.73
CA HIS A 35 -6.00 -7.67 5.71
C HIS A 35 -6.19 -9.06 5.07
N THR A 36 -5.07 -9.68 4.71
CA THR A 36 -5.11 -11.00 4.08
C THR A 36 -5.10 -12.10 5.14
N ARG A 37 -6.27 -12.69 5.38
CA ARG A 37 -6.38 -13.76 6.37
C ARG A 37 -7.28 -14.88 5.85
N LYS A 38 -7.26 -16.01 6.54
CA LYS A 38 -8.08 -17.16 6.15
C LYS A 38 -9.56 -16.86 6.35
N SER A 39 -10.19 -16.29 5.32
CA SER A 39 -11.61 -15.95 5.38
C SER A 39 -12.19 -15.80 3.97
N GLY A 40 -13.51 -15.73 3.89
CA GLY A 40 -14.17 -15.60 2.61
C GLY A 40 -15.03 -14.34 2.53
N PRO A 41 -15.17 -13.80 1.31
CA PRO A 41 -15.96 -12.59 1.07
C PRO A 41 -17.46 -12.83 1.25
N SER A 42 -17.82 -14.08 1.54
CA SER A 42 -19.22 -14.44 1.73
C SER A 42 -19.96 -13.37 2.52
N SER A 43 -21.13 -12.98 2.03
CA SER A 43 -21.93 -11.96 2.68
C SER A 43 -21.90 -12.13 4.20
N GLY A 44 -22.40 -13.27 4.67
CA GLY A 44 -22.43 -13.54 6.09
C GLY A 44 -23.58 -12.83 6.80
N GLY A 1 -0.89 24.49 -19.09
CA GLY A 1 -0.23 23.19 -19.15
C GLY A 1 0.19 22.69 -17.78
N SER A 2 0.54 21.41 -17.71
CA SER A 2 0.96 20.80 -16.45
C SER A 2 2.42 20.35 -16.51
N SER A 3 3.04 20.22 -15.35
CA SER A 3 4.44 19.81 -15.28
C SER A 3 4.73 19.16 -13.93
N GLY A 4 5.96 18.65 -13.78
CA GLY A 4 6.35 18.01 -12.54
C GLY A 4 7.73 17.39 -12.62
N SER A 5 8.73 18.21 -12.92
CA SER A 5 10.11 17.73 -13.03
C SER A 5 10.60 17.18 -11.69
N SER A 6 10.54 18.01 -10.66
CA SER A 6 10.98 17.61 -9.33
C SER A 6 9.80 17.22 -8.46
N GLY A 7 9.80 15.96 -8.01
CA GLY A 7 8.71 15.48 -7.17
C GLY A 7 8.38 14.03 -7.45
N THR A 8 8.32 13.67 -8.72
CA THR A 8 7.99 12.31 -9.12
C THR A 8 9.23 11.43 -9.14
N ASP A 9 10.13 11.66 -8.19
CA ASP A 9 11.37 10.89 -8.10
C ASP A 9 11.25 9.79 -7.05
N SER A 10 10.70 10.15 -5.89
CA SER A 10 10.53 9.20 -4.80
C SER A 10 9.26 8.36 -5.00
N LYS A 11 9.29 7.13 -4.50
CA LYS A 11 8.15 6.23 -4.62
C LYS A 11 7.54 5.95 -3.25
N SER A 12 6.25 5.61 -3.25
CA SER A 12 5.54 5.32 -2.00
C SER A 12 4.65 4.09 -2.16
N TYR A 13 4.57 3.29 -1.12
CA TYR A 13 3.73 2.09 -1.14
C TYR A 13 2.61 2.17 -0.11
N ASN A 14 1.39 2.43 -0.60
CA ASN A 14 0.24 2.54 0.27
C ASN A 14 -0.65 1.30 0.18
N CYS A 15 -1.44 1.06 1.20
CA CYS A 15 -2.34 -0.10 1.23
C CYS A 15 -3.62 0.19 0.47
N ASN A 16 -3.98 -0.73 -0.43
CA ASN A 16 -5.19 -0.58 -1.24
C ASN A 16 -6.36 -1.34 -0.61
N GLU A 17 -6.34 -1.44 0.72
CA GLU A 17 -7.40 -2.14 1.44
C GLU A 17 -8.04 -1.24 2.48
N CYS A 18 -7.22 -0.41 3.12
CA CYS A 18 -7.69 0.50 4.15
C CYS A 18 -7.42 1.96 3.76
N GLY A 19 -6.23 2.20 3.20
CA GLY A 19 -5.87 3.54 2.79
C GLY A 19 -4.64 4.05 3.51
N LYS A 20 -3.72 3.16 3.84
CA LYS A 20 -2.51 3.52 4.54
C LYS A 20 -1.42 3.94 3.55
N ALA A 21 -0.34 4.50 4.07
CA ALA A 21 0.78 4.94 3.24
C ALA A 21 2.12 4.70 3.93
N PHE A 22 2.92 3.80 3.36
CA PHE A 22 4.21 3.47 3.93
C PHE A 22 5.34 3.86 2.96
N THR A 23 6.48 4.25 3.52
CA THR A 23 7.62 4.65 2.71
C THR A 23 8.45 3.44 2.29
N ARG A 24 8.41 2.39 3.10
CA ARG A 24 9.15 1.17 2.82
C ARG A 24 8.26 0.13 2.14
N ILE A 25 8.87 -0.95 1.67
CA ILE A 25 8.13 -2.01 1.00
C ILE A 25 7.99 -3.24 1.90
N PHE A 26 9.00 -3.48 2.73
CA PHE A 26 8.98 -4.61 3.64
C PHE A 26 8.01 -4.37 4.79
N HIS A 27 7.66 -3.10 5.01
CA HIS A 27 6.74 -2.74 6.08
C HIS A 27 5.30 -2.96 5.65
N LEU A 28 4.97 -2.49 4.45
CA LEU A 28 3.62 -2.63 3.92
C LEU A 28 3.22 -4.09 3.81
N THR A 29 4.18 -4.92 3.40
CA THR A 29 3.93 -6.35 3.25
C THR A 29 3.44 -6.97 4.56
N ARG A 30 4.09 -6.60 5.66
CA ARG A 30 3.72 -7.12 6.97
C ARG A 30 2.33 -6.64 7.37
N HIS A 31 1.93 -5.48 6.85
CA HIS A 31 0.62 -4.92 7.15
C HIS A 31 -0.48 -5.71 6.45
N GLN A 32 -0.40 -5.80 5.13
CA GLN A 32 -1.40 -6.52 4.35
C GLN A 32 -1.85 -7.78 5.08
N LYS A 33 -0.92 -8.41 5.79
CA LYS A 33 -1.23 -9.62 6.54
C LYS A 33 -2.35 -9.37 7.56
N ILE A 34 -2.23 -8.27 8.30
CA ILE A 34 -3.23 -7.92 9.29
C ILE A 34 -4.62 -7.88 8.69
N HIS A 35 -4.70 -7.67 7.38
CA HIS A 35 -5.98 -7.62 6.68
C HIS A 35 -6.44 -9.02 6.29
N THR A 36 -7.22 -9.64 7.18
CA THR A 36 -7.73 -10.99 6.93
C THR A 36 -9.25 -11.03 7.07
N ARG A 37 -9.90 -9.93 6.74
CA ARG A 37 -11.35 -9.85 6.83
C ARG A 37 -12.00 -10.20 5.50
N LYS A 38 -12.30 -11.48 5.32
CA LYS A 38 -12.93 -11.97 4.10
C LYS A 38 -14.24 -11.23 3.83
N SER A 39 -14.88 -11.57 2.71
CA SER A 39 -16.14 -10.94 2.34
C SER A 39 -17.31 -11.90 2.54
N GLY A 40 -18.04 -11.71 3.64
CA GLY A 40 -19.16 -12.57 3.94
C GLY A 40 -20.38 -12.24 3.08
N PRO A 41 -21.28 -11.41 3.63
CA PRO A 41 -22.50 -11.00 2.93
C PRO A 41 -22.22 -10.08 1.75
N SER A 42 -22.38 -10.60 0.54
CA SER A 42 -22.14 -9.82 -0.66
C SER A 42 -23.09 -10.23 -1.78
N SER A 43 -23.99 -9.32 -2.15
CA SER A 43 -24.96 -9.59 -3.20
C SER A 43 -25.37 -8.30 -3.92
N GLY A 44 -24.87 -8.11 -5.13
CA GLY A 44 -25.19 -6.92 -5.89
C GLY A 44 -24.66 -6.98 -7.31
N GLY A 1 -5.93 6.34 -14.44
CA GLY A 1 -5.06 7.38 -14.96
C GLY A 1 -4.06 7.86 -13.93
N SER A 2 -2.98 8.48 -14.41
CA SER A 2 -1.93 8.98 -13.53
C SER A 2 -1.60 10.44 -13.84
N SER A 3 -1.29 10.70 -15.11
CA SER A 3 -0.95 12.05 -15.54
C SER A 3 -0.02 12.72 -14.54
N GLY A 4 0.96 11.96 -14.05
CA GLY A 4 1.90 12.51 -13.08
C GLY A 4 1.46 12.27 -11.65
N SER A 5 1.71 11.06 -11.16
CA SER A 5 1.34 10.70 -9.80
C SER A 5 2.58 10.48 -8.93
N SER A 6 3.48 9.64 -9.41
CA SER A 6 4.71 9.35 -8.68
C SER A 6 5.93 9.53 -9.58
N GLY A 7 6.79 10.46 -9.21
CA GLY A 7 8.00 10.72 -9.99
C GLY A 7 8.66 9.44 -10.47
N THR A 8 9.42 9.53 -11.55
CA THR A 8 10.11 8.38 -12.10
C THR A 8 10.77 7.56 -11.00
N ASP A 9 11.46 8.24 -10.09
CA ASP A 9 12.13 7.57 -8.99
C ASP A 9 11.30 7.65 -7.71
N SER A 10 10.85 8.86 -7.37
CA SER A 10 10.05 9.06 -6.18
C SER A 10 8.79 8.20 -6.21
N LYS A 11 8.74 7.21 -5.30
CA LYS A 11 7.60 6.31 -5.23
C LYS A 11 7.14 6.13 -3.78
N SER A 12 6.01 5.47 -3.59
CA SER A 12 5.47 5.22 -2.26
C SER A 12 4.38 4.16 -2.30
N TYR A 13 4.48 3.18 -1.41
CA TYR A 13 3.49 2.11 -1.34
C TYR A 13 2.40 2.42 -0.32
N ASN A 14 1.16 2.39 -0.77
CA ASN A 14 0.02 2.68 0.10
C ASN A 14 -0.99 1.54 0.06
N CYS A 15 -1.38 1.06 1.23
CA CYS A 15 -2.35 -0.03 1.33
C CYS A 15 -3.75 0.45 0.98
N ASN A 16 -4.34 -0.17 -0.03
CA ASN A 16 -5.69 0.20 -0.46
C ASN A 16 -6.74 -0.33 0.49
N GLU A 17 -6.58 -1.59 0.89
CA GLU A 17 -7.51 -2.23 1.82
C GLU A 17 -8.04 -1.23 2.84
N CYS A 18 -7.12 -0.55 3.52
CA CYS A 18 -7.48 0.43 4.53
C CYS A 18 -7.22 1.85 4.03
N GLY A 19 -6.10 2.01 3.30
CA GLY A 19 -5.75 3.31 2.78
C GLY A 19 -4.59 3.95 3.52
N LYS A 20 -3.63 3.12 3.93
CA LYS A 20 -2.46 3.60 4.65
C LYS A 20 -1.33 3.93 3.69
N ALA A 21 -0.29 4.60 4.19
CA ALA A 21 0.85 4.97 3.38
C ALA A 21 2.16 4.61 4.08
N PHE A 22 2.92 3.69 3.49
CA PHE A 22 4.19 3.26 4.06
C PHE A 22 5.35 3.73 3.19
N THR A 23 6.48 4.02 3.84
CA THR A 23 7.67 4.47 3.13
C THR A 23 8.61 3.31 2.85
N ARG A 24 8.53 2.27 3.67
CA ARG A 24 9.38 1.09 3.51
C ARG A 24 8.70 0.05 2.63
N ILE A 25 9.43 -1.02 2.33
CA ILE A 25 8.90 -2.09 1.49
C ILE A 25 8.49 -3.30 2.33
N PHE A 26 9.24 -3.54 3.42
CA PHE A 26 8.97 -4.66 4.31
C PHE A 26 7.91 -4.28 5.33
N HIS A 27 7.86 -3.01 5.69
CA HIS A 27 6.89 -2.52 6.67
C HIS A 27 5.47 -2.65 6.14
N LEU A 28 5.32 -2.58 4.82
CA LEU A 28 4.02 -2.70 4.18
C LEU A 28 3.60 -4.16 4.06
N THR A 29 4.53 -5.00 3.63
CA THR A 29 4.26 -6.42 3.46
C THR A 29 3.83 -7.06 4.79
N ARG A 30 4.38 -6.54 5.89
CA ARG A 30 4.05 -7.06 7.21
C ARG A 30 2.72 -6.49 7.70
N HIS A 31 2.07 -5.70 6.85
CA HIS A 31 0.79 -5.10 7.20
C HIS A 31 -0.33 -5.67 6.34
N GLN A 32 -0.19 -5.54 5.03
CA GLN A 32 -1.19 -6.05 4.09
C GLN A 32 -1.65 -7.44 4.49
N LYS A 33 -0.84 -8.12 5.28
CA LYS A 33 -1.17 -9.48 5.74
C LYS A 33 -2.09 -9.42 6.95
N ILE A 34 -2.77 -8.30 7.12
CA ILE A 34 -3.70 -8.12 8.24
C ILE A 34 -5.13 -8.02 7.75
N HIS A 35 -5.30 -7.87 6.44
CA HIS A 35 -6.63 -7.75 5.84
C HIS A 35 -7.10 -9.10 5.30
N THR A 36 -7.46 -10.00 6.21
CA THR A 36 -7.93 -11.33 5.82
C THR A 36 -9.42 -11.47 6.07
N ARG A 37 -10.10 -12.18 5.17
CA ARG A 37 -11.53 -12.40 5.28
C ARG A 37 -11.91 -13.83 4.90
N LYS A 38 -13.11 -14.24 5.26
CA LYS A 38 -13.59 -15.58 4.95
C LYS A 38 -14.49 -15.58 3.72
N SER A 39 -15.45 -14.66 3.71
CA SER A 39 -16.38 -14.55 2.59
C SER A 39 -15.67 -14.78 1.26
N GLY A 40 -14.58 -14.05 1.04
CA GLY A 40 -13.83 -14.19 -0.19
C GLY A 40 -12.61 -13.28 -0.23
N PRO A 41 -11.49 -13.76 0.34
CA PRO A 41 -10.24 -12.99 0.39
C PRO A 41 -9.59 -12.87 -0.99
N SER A 42 -9.72 -13.92 -1.79
CA SER A 42 -9.14 -13.93 -3.13
C SER A 42 -9.86 -12.93 -4.04
N SER A 43 -11.18 -13.02 -4.08
CA SER A 43 -11.98 -12.14 -4.91
C SER A 43 -11.27 -11.82 -6.22
N GLY A 44 -10.68 -12.86 -6.83
CA GLY A 44 -9.98 -12.68 -8.09
C GLY A 44 -9.80 -13.97 -8.85
N GLY A 1 15.80 17.78 -24.33
CA GLY A 1 14.70 18.68 -24.06
C GLY A 1 13.95 18.32 -22.79
N SER A 2 12.92 19.08 -22.48
CA SER A 2 12.12 18.84 -21.28
C SER A 2 10.89 18.01 -21.61
N SER A 3 10.17 18.41 -22.66
CA SER A 3 8.96 17.70 -23.07
C SER A 3 7.94 17.65 -21.94
N GLY A 4 7.79 18.77 -21.24
CA GLY A 4 6.85 18.82 -20.13
C GLY A 4 7.31 18.03 -18.94
N SER A 5 7.79 18.73 -17.92
CA SER A 5 8.28 18.08 -16.70
C SER A 5 7.35 18.37 -15.53
N SER A 6 6.04 18.32 -15.78
CA SER A 6 5.05 18.57 -14.75
C SER A 6 4.83 17.34 -13.88
N GLY A 7 4.38 16.26 -14.51
CA GLY A 7 4.14 15.02 -13.78
C GLY A 7 5.15 14.79 -12.67
N THR A 8 4.69 14.26 -11.54
CA THR A 8 5.56 14.00 -10.41
C THR A 8 5.91 12.51 -10.32
N ASP A 9 7.19 12.23 -10.11
CA ASP A 9 7.66 10.84 -10.01
C ASP A 9 8.35 10.61 -8.67
N SER A 10 7.69 9.88 -7.79
CA SER A 10 8.25 9.58 -6.47
C SER A 10 7.72 8.25 -5.94
N LYS A 11 8.61 7.45 -5.38
CA LYS A 11 8.23 6.16 -4.82
C LYS A 11 7.38 6.32 -3.57
N SER A 12 6.35 5.47 -3.45
CA SER A 12 5.46 5.53 -2.31
C SER A 12 4.58 4.28 -2.24
N TYR A 13 4.68 3.56 -1.13
CA TYR A 13 3.90 2.34 -0.95
C TYR A 13 2.62 2.63 -0.16
N ASN A 14 1.48 2.50 -0.83
CA ASN A 14 0.19 2.75 -0.20
C ASN A 14 -0.67 1.49 -0.21
N CYS A 15 -1.37 1.24 0.89
CA CYS A 15 -2.23 0.07 1.01
C CYS A 15 -3.65 0.39 0.54
N ASN A 16 -3.82 0.47 -0.78
CA ASN A 16 -5.13 0.77 -1.35
C ASN A 16 -6.23 0.00 -0.64
N GLU A 17 -5.86 -1.12 -0.02
CA GLU A 17 -6.81 -1.95 0.70
C GLU A 17 -7.43 -1.19 1.86
N CYS A 18 -6.58 -0.59 2.69
CA CYS A 18 -7.04 0.17 3.85
C CYS A 18 -6.83 1.67 3.63
N GLY A 19 -5.65 2.03 3.12
CA GLY A 19 -5.36 3.43 2.87
C GLY A 19 -4.23 3.94 3.74
N LYS A 20 -3.17 3.14 3.87
CA LYS A 20 -2.02 3.52 4.68
C LYS A 20 -0.74 3.49 3.86
N ALA A 21 0.03 4.57 3.93
CA ALA A 21 1.29 4.67 3.19
C ALA A 21 2.48 4.31 4.08
N PHE A 22 3.25 3.32 3.65
CA PHE A 22 4.42 2.88 4.41
C PHE A 22 5.72 3.34 3.73
N THR A 23 6.59 3.96 4.51
CA THR A 23 7.86 4.44 3.99
C THR A 23 8.66 3.32 3.34
N ARG A 24 8.68 2.16 3.99
CA ARG A 24 9.39 1.00 3.47
C ARG A 24 8.46 0.06 2.73
N ILE A 25 9.00 -1.04 2.23
CA ILE A 25 8.21 -2.03 1.50
C ILE A 25 7.83 -3.20 2.40
N PHE A 26 8.74 -3.57 3.30
CA PHE A 26 8.51 -4.68 4.21
C PHE A 26 7.34 -4.37 5.16
N HIS A 27 7.30 -3.14 5.65
CA HIS A 27 6.25 -2.70 6.55
C HIS A 27 4.87 -2.89 5.92
N LEU A 28 4.79 -2.66 4.61
CA LEU A 28 3.54 -2.80 3.88
C LEU A 28 3.17 -4.28 3.72
N THR A 29 4.12 -5.07 3.25
CA THR A 29 3.90 -6.50 3.05
C THR A 29 3.50 -7.18 4.36
N ARG A 30 4.22 -6.85 5.42
CA ARG A 30 3.95 -7.44 6.73
C ARG A 30 2.66 -6.88 7.32
N HIS A 31 2.26 -5.71 6.84
CA HIS A 31 1.04 -5.07 7.32
C HIS A 31 -0.19 -5.71 6.70
N GLN A 32 -0.25 -5.71 5.37
CA GLN A 32 -1.37 -6.29 4.64
C GLN A 32 -1.87 -7.55 5.34
N LYS A 33 -0.97 -8.22 6.05
CA LYS A 33 -1.32 -9.44 6.76
C LYS A 33 -2.58 -9.25 7.59
N ILE A 34 -2.62 -8.17 8.35
CA ILE A 34 -3.77 -7.87 9.20
C ILE A 34 -5.08 -8.02 8.43
N HIS A 35 -5.00 -7.88 7.10
CA HIS A 35 -6.16 -8.00 6.25
C HIS A 35 -6.45 -9.47 5.94
N THR A 36 -7.17 -10.14 6.84
CA THR A 36 -7.51 -11.55 6.65
C THR A 36 -9.02 -11.74 6.58
N ARG A 37 -9.74 -11.04 7.44
CA ARG A 37 -11.20 -11.13 7.49
C ARG A 37 -11.82 -9.78 7.79
N LYS A 38 -13.10 -9.62 7.43
CA LYS A 38 -13.82 -8.37 7.67
C LYS A 38 -14.80 -8.52 8.82
N SER A 39 -14.39 -9.25 9.85
CA SER A 39 -15.23 -9.47 11.02
C SER A 39 -14.84 -8.54 12.16
N GLY A 40 -15.27 -7.29 12.08
CA GLY A 40 -14.96 -6.32 13.12
C GLY A 40 -15.39 -6.77 14.49
N PRO A 41 -15.01 -6.01 15.52
CA PRO A 41 -15.36 -6.32 16.91
C PRO A 41 -16.85 -6.13 17.20
N SER A 42 -17.60 -5.76 16.15
CA SER A 42 -19.03 -5.54 16.29
C SER A 42 -19.31 -4.22 17.00
N SER A 43 -18.63 -3.16 16.56
CA SER A 43 -18.80 -1.84 17.14
C SER A 43 -19.49 -0.90 16.17
N GLY A 44 -20.52 -1.41 15.49
CA GLY A 44 -21.26 -0.60 14.53
C GLY A 44 -20.35 0.07 13.52
N GLY A 1 3.54 18.09 -25.63
CA GLY A 1 4.56 17.11 -25.95
C GLY A 1 5.68 17.07 -24.93
N SER A 2 6.23 18.24 -24.61
CA SER A 2 7.31 18.34 -23.64
C SER A 2 6.95 17.62 -22.35
N SER A 3 5.89 18.07 -21.71
CA SER A 3 5.44 17.47 -20.45
C SER A 3 5.53 15.95 -20.52
N GLY A 4 4.84 15.36 -21.49
CA GLY A 4 4.85 13.92 -21.65
C GLY A 4 4.29 13.20 -20.43
N SER A 5 5.19 12.81 -19.52
CA SER A 5 4.78 12.10 -18.32
C SER A 5 5.54 12.62 -17.11
N SER A 6 4.83 12.75 -15.99
CA SER A 6 5.44 13.25 -14.75
C SER A 6 6.67 12.43 -14.38
N GLY A 7 7.50 12.98 -13.51
CA GLY A 7 8.70 12.29 -13.09
C GLY A 7 8.56 11.66 -11.70
N THR A 8 8.80 10.36 -11.62
CA THR A 8 8.70 9.65 -10.35
C THR A 8 10.04 9.06 -9.94
N ASP A 9 10.81 9.83 -9.17
CA ASP A 9 12.11 9.38 -8.72
C ASP A 9 11.98 8.38 -7.56
N SER A 10 11.19 8.75 -6.56
CA SER A 10 10.97 7.89 -5.40
C SER A 10 9.48 7.66 -5.17
N LYS A 11 8.94 6.61 -5.79
CA LYS A 11 7.53 6.28 -5.65
C LYS A 11 7.16 6.07 -4.19
N SER A 12 5.89 5.77 -3.94
CA SER A 12 5.42 5.54 -2.57
C SER A 12 4.51 4.32 -2.51
N TYR A 13 4.66 3.53 -1.45
CA TYR A 13 3.87 2.33 -1.28
C TYR A 13 2.78 2.54 -0.22
N ASN A 14 1.53 2.55 -0.66
CA ASN A 14 0.40 2.74 0.24
C ASN A 14 -0.67 1.68 0.01
N CYS A 15 -1.33 1.27 1.09
CA CYS A 15 -2.38 0.26 1.00
C CYS A 15 -3.71 0.88 0.57
N ASN A 16 -4.43 0.17 -0.29
CA ASN A 16 -5.72 0.65 -0.78
C ASN A 16 -6.87 -0.02 -0.04
N GLU A 17 -6.73 -1.32 0.22
CA GLU A 17 -7.76 -2.08 0.92
C GLU A 17 -8.29 -1.29 2.12
N CYS A 18 -7.38 -0.89 3.00
CA CYS A 18 -7.75 -0.13 4.19
C CYS A 18 -7.42 1.34 4.02
N GLY A 19 -6.23 1.61 3.51
CA GLY A 19 -5.80 2.99 3.31
C GLY A 19 -4.73 3.42 4.29
N LYS A 20 -3.49 3.02 4.03
CA LYS A 20 -2.38 3.37 4.89
C LYS A 20 -1.08 3.44 4.10
N ALA A 21 -0.45 4.61 4.11
CA ALA A 21 0.80 4.81 3.39
C ALA A 21 1.98 4.34 4.22
N PHE A 22 2.99 3.79 3.55
CA PHE A 22 4.19 3.29 4.22
C PHE A 22 5.44 3.72 3.48
N THR A 23 6.43 4.23 4.23
CA THR A 23 7.69 4.67 3.64
C THR A 23 8.52 3.49 3.18
N ARG A 24 8.50 2.42 3.96
CA ARG A 24 9.28 1.22 3.64
C ARG A 24 8.45 0.26 2.80
N ILE A 25 9.12 -0.65 2.11
CA ILE A 25 8.45 -1.63 1.27
C ILE A 25 8.08 -2.88 2.07
N PHE A 26 9.01 -3.36 2.88
CA PHE A 26 8.78 -4.54 3.70
C PHE A 26 7.68 -4.30 4.71
N HIS A 27 7.71 -3.12 5.35
CA HIS A 27 6.72 -2.77 6.34
C HIS A 27 5.30 -2.89 5.77
N LEU A 28 5.16 -2.51 4.50
CA LEU A 28 3.86 -2.57 3.84
C LEU A 28 3.41 -4.02 3.65
N THR A 29 4.34 -4.87 3.24
CA THR A 29 4.05 -6.28 3.02
C THR A 29 3.53 -6.94 4.30
N ARG A 30 4.24 -6.70 5.40
CA ARG A 30 3.86 -7.27 6.68
C ARG A 30 2.51 -6.72 7.15
N HIS A 31 2.25 -5.46 6.82
CA HIS A 31 1.01 -4.81 7.20
C HIS A 31 -0.19 -5.52 6.57
N GLN A 32 -0.23 -5.52 5.24
CA GLN A 32 -1.33 -6.16 4.51
C GLN A 32 -1.77 -7.44 5.21
N LYS A 33 -0.83 -8.07 5.92
CA LYS A 33 -1.13 -9.31 6.64
C LYS A 33 -2.43 -9.18 7.43
N ILE A 34 -2.53 -8.12 8.22
CA ILE A 34 -3.71 -7.89 9.03
C ILE A 34 -4.99 -8.17 8.24
N HIS A 35 -4.90 -8.04 6.92
CA HIS A 35 -6.04 -8.28 6.05
C HIS A 35 -6.28 -9.77 5.87
N THR A 36 -5.26 -10.48 5.38
CA THR A 36 -5.36 -11.91 5.16
C THR A 36 -5.24 -12.68 6.48
N ARG A 37 -5.86 -13.86 6.54
CA ARG A 37 -5.82 -14.68 7.74
C ARG A 37 -4.53 -15.51 7.79
N LYS A 38 -4.10 -15.85 8.99
CA LYS A 38 -2.89 -16.64 9.18
C LYS A 38 -3.22 -18.06 9.61
N SER A 39 -4.02 -18.19 10.66
CA SER A 39 -4.42 -19.49 11.17
C SER A 39 -5.89 -19.77 10.86
N GLY A 40 -6.20 -21.05 10.64
CA GLY A 40 -7.56 -21.44 10.34
C GLY A 40 -7.66 -22.83 9.76
N PRO A 41 -7.19 -22.99 8.52
CA PRO A 41 -7.20 -24.27 7.81
C PRO A 41 -6.22 -25.28 8.41
N SER A 42 -6.57 -26.56 8.35
CA SER A 42 -5.72 -27.61 8.89
C SER A 42 -4.32 -27.56 8.27
N SER A 43 -4.28 -27.55 6.95
CA SER A 43 -3.00 -27.50 6.23
C SER A 43 -3.10 -26.60 4.99
N GLY A 44 -1.99 -25.99 4.63
CA GLY A 44 -1.97 -25.12 3.47
C GLY A 44 -2.48 -23.73 3.79
N GLY A 1 -8.02 10.61 -28.49
CA GLY A 1 -7.76 11.34 -27.27
C GLY A 1 -6.83 10.60 -26.34
N SER A 2 -5.90 11.34 -25.73
CA SER A 2 -4.94 10.74 -24.81
C SER A 2 -4.10 11.83 -24.13
N SER A 3 -4.15 11.85 -22.80
CA SER A 3 -3.40 12.84 -22.03
C SER A 3 -3.03 12.28 -20.66
N GLY A 4 -2.27 13.08 -19.89
CA GLY A 4 -1.86 12.64 -18.57
C GLY A 4 -0.42 13.03 -18.26
N SER A 5 -0.23 13.86 -17.25
CA SER A 5 1.10 14.31 -16.86
C SER A 5 1.42 13.84 -15.45
N SER A 6 0.48 14.02 -14.53
CA SER A 6 0.66 13.62 -13.15
C SER A 6 0.92 12.12 -13.04
N GLY A 7 2.18 11.75 -12.89
CA GLY A 7 2.54 10.35 -12.77
C GLY A 7 3.05 9.99 -11.39
N THR A 8 4.36 9.98 -11.23
CA THR A 8 4.97 9.65 -9.95
C THR A 8 6.20 10.50 -9.68
N ASP A 9 6.12 11.36 -8.67
CA ASP A 9 7.23 12.23 -8.31
C ASP A 9 8.24 11.50 -7.44
N SER A 10 7.76 10.84 -6.40
CA SER A 10 8.62 10.09 -5.49
C SER A 10 7.99 8.76 -5.10
N LYS A 11 8.62 7.67 -5.52
CA LYS A 11 8.13 6.34 -5.22
C LYS A 11 7.64 6.24 -3.77
N SER A 12 6.46 5.67 -3.58
CA SER A 12 5.88 5.52 -2.25
C SER A 12 4.90 4.35 -2.21
N TYR A 13 5.04 3.52 -1.20
CA TYR A 13 4.17 2.35 -1.03
C TYR A 13 2.94 2.70 -0.20
N ASN A 14 1.77 2.29 -0.68
CA ASN A 14 0.53 2.56 0.03
C ASN A 14 -0.41 1.35 -0.04
N CYS A 15 -1.16 1.13 1.03
CA CYS A 15 -2.09 0.00 1.09
C CYS A 15 -3.42 0.37 0.45
N ASN A 16 -3.68 -0.20 -0.71
CA ASN A 16 -4.93 0.07 -1.44
C ASN A 16 -6.11 -0.58 -0.74
N GLU A 17 -5.83 -1.59 0.08
CA GLU A 17 -6.88 -2.30 0.81
C GLU A 17 -7.55 -1.37 1.82
N CYS A 18 -6.79 -0.92 2.81
CA CYS A 18 -7.31 -0.03 3.84
C CYS A 18 -7.08 1.43 3.45
N GLY A 19 -5.87 1.75 3.01
CA GLY A 19 -5.55 3.11 2.62
C GLY A 19 -4.51 3.73 3.53
N LYS A 20 -3.31 3.17 3.53
CA LYS A 20 -2.22 3.68 4.36
C LYS A 20 -0.96 3.92 3.53
N ALA A 21 -0.03 4.70 4.06
CA ALA A 21 1.22 4.99 3.38
C ALA A 21 2.41 4.52 4.18
N PHE A 22 3.23 3.67 3.58
CA PHE A 22 4.42 3.14 4.24
C PHE A 22 5.70 3.67 3.58
N THR A 23 6.77 3.75 4.36
CA THR A 23 8.04 4.23 3.85
C THR A 23 8.80 3.14 3.11
N ARG A 24 8.80 1.93 3.68
CA ARG A 24 9.48 0.80 3.07
C ARG A 24 8.50 -0.09 2.32
N ILE A 25 9.02 -1.11 1.64
CA ILE A 25 8.19 -2.03 0.89
C ILE A 25 7.81 -3.24 1.73
N PHE A 26 8.68 -3.60 2.68
CA PHE A 26 8.44 -4.74 3.55
C PHE A 26 7.50 -4.37 4.69
N HIS A 27 7.60 -3.13 5.14
CA HIS A 27 6.76 -2.64 6.24
C HIS A 27 5.29 -2.63 5.82
N LEU A 28 5.04 -2.74 4.53
CA LEU A 28 3.68 -2.75 4.01
C LEU A 28 3.11 -4.16 3.98
N THR A 29 3.86 -5.09 3.37
CA THR A 29 3.44 -6.47 3.27
C THR A 29 3.12 -7.05 4.65
N ARG A 30 3.98 -6.76 5.61
CA ARG A 30 3.80 -7.25 6.97
C ARG A 30 2.51 -6.69 7.58
N HIS A 31 2.03 -5.58 7.03
CA HIS A 31 0.82 -4.95 7.52
C HIS A 31 -0.43 -5.60 6.90
N GLN A 32 -0.47 -5.62 5.57
CA GLN A 32 -1.60 -6.22 4.86
C GLN A 32 -2.06 -7.49 5.54
N LYS A 33 -1.15 -8.14 6.27
CA LYS A 33 -1.47 -9.37 6.97
C LYS A 33 -2.74 -9.22 7.79
N ILE A 34 -2.79 -8.18 8.61
CA ILE A 34 -3.96 -7.91 9.45
C ILE A 34 -5.26 -8.04 8.65
N HIS A 35 -5.15 -7.85 7.33
CA HIS A 35 -6.31 -7.95 6.46
C HIS A 35 -6.60 -9.40 6.11
N THR A 36 -7.44 -10.05 6.91
CA THR A 36 -7.80 -11.44 6.68
C THR A 36 -9.31 -11.61 6.56
N ARG A 37 -10.05 -10.61 7.05
CA ARG A 37 -11.51 -10.66 6.99
C ARG A 37 -12.06 -9.42 6.30
N LYS A 38 -13.09 -9.60 5.48
CA LYS A 38 -13.71 -8.49 4.77
C LYS A 38 -15.13 -8.26 5.26
N SER A 39 -15.89 -9.33 5.41
CA SER A 39 -17.27 -9.24 5.88
C SER A 39 -17.75 -10.58 6.44
N GLY A 40 -18.52 -10.52 7.52
CA GLY A 40 -19.03 -11.73 8.14
C GLY A 40 -17.94 -12.73 8.42
N PRO A 41 -18.34 -13.97 8.77
CA PRO A 41 -17.40 -15.05 9.08
C PRO A 41 -16.65 -15.54 7.84
N SER A 42 -15.35 -15.76 7.98
CA SER A 42 -14.53 -16.23 6.87
C SER A 42 -15.29 -17.24 6.02
N SER A 43 -15.64 -16.82 4.81
CA SER A 43 -16.37 -17.69 3.90
C SER A 43 -15.82 -17.58 2.48
N GLY A 44 -15.14 -18.63 2.03
CA GLY A 44 -14.57 -18.63 0.69
C GLY A 44 -13.28 -19.42 0.61
N GLY A 1 21.38 17.72 -21.24
CA GLY A 1 21.54 18.47 -20.01
C GLY A 1 20.29 19.26 -19.65
N SER A 2 20.12 20.41 -20.29
CA SER A 2 18.97 21.26 -20.03
C SER A 2 17.69 20.62 -20.55
N SER A 3 16.83 20.21 -19.62
CA SER A 3 15.57 19.58 -19.97
C SER A 3 14.40 20.55 -19.79
N GLY A 4 14.37 21.21 -18.65
CA GLY A 4 13.30 22.16 -18.36
C GLY A 4 12.67 21.92 -17.00
N SER A 5 11.82 20.91 -16.91
CA SER A 5 11.14 20.59 -15.67
C SER A 5 12.05 19.78 -14.75
N SER A 6 11.61 19.60 -13.50
CA SER A 6 12.39 18.85 -12.52
C SER A 6 12.05 17.36 -12.59
N GLY A 7 10.76 17.05 -12.66
CA GLY A 7 10.33 15.66 -12.73
C GLY A 7 10.64 14.90 -11.46
N THR A 8 9.61 14.58 -10.69
CA THR A 8 9.78 13.84 -9.45
C THR A 8 8.83 12.65 -9.38
N ASP A 9 9.31 11.54 -8.83
CA ASP A 9 8.51 10.34 -8.70
C ASP A 9 8.30 9.97 -7.24
N SER A 10 7.14 9.41 -6.93
CA SER A 10 6.82 9.02 -5.56
C SER A 10 6.41 7.56 -5.49
N LYS A 11 7.40 6.68 -5.31
CA LYS A 11 7.14 5.25 -5.22
C LYS A 11 6.63 4.86 -3.83
N SER A 12 6.39 5.88 -3.00
CA SER A 12 5.89 5.64 -1.65
C SER A 12 4.86 4.52 -1.63
N TYR A 13 5.28 3.34 -1.18
CA TYR A 13 4.39 2.19 -1.11
C TYR A 13 3.21 2.46 -0.16
N ASN A 14 2.00 2.48 -0.71
CA ASN A 14 0.81 2.72 0.08
C ASN A 14 -0.19 1.58 -0.07
N CYS A 15 -0.81 1.19 1.05
CA CYS A 15 -1.79 0.11 1.04
C CYS A 15 -3.08 0.55 0.37
N ASN A 16 -3.74 -0.39 -0.32
CA ASN A 16 -4.98 -0.10 -1.01
C ASN A 16 -6.18 -0.61 -0.20
N GLU A 17 -5.97 -1.71 0.52
CA GLU A 17 -7.03 -2.30 1.32
C GLU A 17 -7.69 -1.25 2.21
N CYS A 18 -6.89 -0.64 3.09
CA CYS A 18 -7.39 0.38 4.00
C CYS A 18 -7.08 1.77 3.47
N GLY A 19 -5.83 1.98 3.06
CA GLY A 19 -5.42 3.27 2.54
C GLY A 19 -4.36 3.93 3.41
N LYS A 20 -3.27 3.20 3.66
CA LYS A 20 -2.18 3.72 4.48
C LYS A 20 -0.95 4.00 3.63
N ALA A 21 0.05 4.64 4.23
CA ALA A 21 1.28 4.96 3.53
C ALA A 21 2.51 4.55 4.33
N PHE A 22 3.39 3.78 3.69
CA PHE A 22 4.60 3.30 4.35
C PHE A 22 5.84 3.71 3.58
N THR A 23 6.89 4.09 4.29
CA THR A 23 8.15 4.51 3.67
C THR A 23 8.98 3.30 3.24
N ARG A 24 8.84 2.21 3.98
CA ARG A 24 9.58 0.99 3.68
C ARG A 24 8.78 0.08 2.75
N ILE A 25 9.40 -1.02 2.34
CA ILE A 25 8.75 -1.97 1.45
C ILE A 25 8.23 -3.18 2.22
N PHE A 26 9.01 -3.64 3.19
CA PHE A 26 8.62 -4.79 3.99
C PHE A 26 7.53 -4.41 5.00
N HIS A 27 7.63 -3.19 5.54
CA HIS A 27 6.67 -2.71 6.51
C HIS A 27 5.25 -2.75 5.93
N LEU A 28 5.15 -2.61 4.62
CA LEU A 28 3.86 -2.63 3.94
C LEU A 28 3.37 -4.05 3.74
N THR A 29 4.29 -4.95 3.38
CA THR A 29 3.97 -6.35 3.16
C THR A 29 3.48 -7.01 4.45
N ARG A 30 4.13 -6.67 5.56
CA ARG A 30 3.77 -7.23 6.86
C ARG A 30 2.45 -6.65 7.36
N HIS A 31 2.06 -5.52 6.77
CA HIS A 31 0.81 -4.86 7.16
C HIS A 31 -0.39 -5.48 6.46
N GLN A 32 -0.33 -5.51 5.13
CA GLN A 32 -1.41 -6.08 4.33
C GLN A 32 -1.97 -7.34 4.99
N LYS A 33 -1.13 -8.01 5.79
CA LYS A 33 -1.54 -9.23 6.48
C LYS A 33 -2.85 -9.02 7.23
N ILE A 34 -2.95 -7.90 7.94
CA ILE A 34 -4.15 -7.58 8.70
C ILE A 34 -5.40 -7.70 7.83
N HIS A 35 -5.20 -7.69 6.51
CA HIS A 35 -6.31 -7.80 5.57
C HIS A 35 -6.50 -9.25 5.13
N THR A 36 -5.45 -9.84 4.57
CA THR A 36 -5.50 -11.22 4.11
C THR A 36 -6.89 -11.55 3.55
N ARG A 37 -7.49 -10.59 2.86
CA ARG A 37 -8.82 -10.80 2.28
C ARG A 37 -8.74 -11.67 1.04
N LYS A 38 -8.68 -12.98 1.25
CA LYS A 38 -8.60 -13.93 0.15
C LYS A 38 -9.76 -14.92 0.19
N SER A 39 -10.56 -14.94 -0.86
CA SER A 39 -11.70 -15.84 -0.93
C SER A 39 -11.34 -17.22 -0.39
N GLY A 40 -12.01 -17.61 0.69
CA GLY A 40 -11.75 -18.90 1.30
C GLY A 40 -12.25 -18.98 2.74
N PRO A 41 -12.72 -20.18 3.12
CA PRO A 41 -13.25 -20.42 4.48
C PRO A 41 -12.15 -20.38 5.53
N SER A 42 -10.90 -20.48 5.09
CA SER A 42 -9.77 -20.47 6.00
C SER A 42 -9.63 -19.11 6.69
N SER A 43 -9.43 -19.13 8.00
CA SER A 43 -9.29 -17.90 8.77
C SER A 43 -10.16 -16.79 8.19
N GLY A 44 -11.42 -17.13 7.91
CA GLY A 44 -12.34 -16.16 7.35
C GLY A 44 -11.67 -15.23 6.35
N GLY A 1 4.95 14.08 -31.91
CA GLY A 1 4.38 14.67 -30.71
C GLY A 1 4.98 14.10 -29.44
N SER A 2 4.35 14.40 -28.31
CA SER A 2 4.82 13.90 -27.02
C SER A 2 3.76 14.09 -25.94
N SER A 3 3.46 13.01 -25.23
CA SER A 3 2.45 13.05 -24.17
C SER A 3 2.84 12.12 -23.02
N GLY A 4 2.67 12.61 -21.80
CA GLY A 4 3.01 11.81 -20.63
C GLY A 4 4.13 12.42 -19.81
N SER A 5 5.35 11.94 -20.03
CA SER A 5 6.51 12.43 -19.30
C SER A 5 6.34 12.24 -17.79
N SER A 6 5.81 11.08 -17.41
CA SER A 6 5.57 10.77 -16.01
C SER A 6 6.89 10.43 -15.31
N GLY A 7 7.51 11.43 -14.70
CA GLY A 7 8.77 11.21 -14.00
C GLY A 7 8.58 11.04 -12.51
N THR A 8 8.37 9.81 -12.08
CA THR A 8 8.16 9.51 -10.66
C THR A 8 9.48 9.59 -9.90
N ASP A 9 9.47 10.32 -8.79
CA ASP A 9 10.67 10.47 -7.97
C ASP A 9 10.39 10.07 -6.52
N SER A 10 9.35 10.66 -5.94
CA SER A 10 8.96 10.37 -4.56
C SER A 10 8.04 9.16 -4.50
N LYS A 11 8.47 8.05 -5.11
CA LYS A 11 7.68 6.83 -5.12
C LYS A 11 7.39 6.35 -3.70
N SER A 12 6.35 5.54 -3.55
CA SER A 12 5.97 5.01 -2.24
C SER A 12 4.96 3.88 -2.38
N TYR A 13 4.89 3.03 -1.35
CA TYR A 13 3.98 1.90 -1.37
C TYR A 13 2.84 2.11 -0.37
N ASN A 14 1.63 2.26 -0.89
CA ASN A 14 0.46 2.46 -0.03
C ASN A 14 -0.44 1.23 -0.04
N CYS A 15 -1.16 1.02 1.05
CA CYS A 15 -2.07 -0.12 1.17
C CYS A 15 -3.37 0.14 0.42
N ASN A 16 -3.65 -0.71 -0.57
CA ASN A 16 -4.85 -0.57 -1.38
C ASN A 16 -5.98 -1.42 -0.80
N GLU A 17 -6.14 -1.38 0.52
CA GLU A 17 -7.17 -2.16 1.18
C GLU A 17 -7.90 -1.30 2.23
N CYS A 18 -7.14 -0.50 2.95
CA CYS A 18 -7.71 0.38 3.97
C CYS A 18 -7.42 1.84 3.67
N GLY A 19 -6.18 2.12 3.29
CA GLY A 19 -5.80 3.49 2.97
C GLY A 19 -4.60 3.96 3.78
N LYS A 20 -3.59 3.10 3.89
CA LYS A 20 -2.39 3.43 4.65
C LYS A 20 -1.23 3.78 3.71
N ALA A 21 -0.13 4.25 4.28
CA ALA A 21 1.04 4.62 3.50
C ALA A 21 2.32 4.20 4.21
N PHE A 22 3.27 3.68 3.43
CA PHE A 22 4.55 3.23 3.98
C PHE A 22 5.71 3.72 3.12
N THR A 23 6.88 3.84 3.73
CA THR A 23 8.06 4.30 3.03
C THR A 23 8.82 3.13 2.40
N ARG A 24 8.89 2.02 3.13
CA ARG A 24 9.57 0.83 2.65
C ARG A 24 8.59 -0.15 2.01
N ILE A 25 9.12 -1.25 1.49
CA ILE A 25 8.29 -2.27 0.85
C ILE A 25 7.81 -3.30 1.86
N PHE A 26 8.72 -3.72 2.74
CA PHE A 26 8.39 -4.72 3.75
C PHE A 26 7.33 -4.17 4.72
N HIS A 27 7.63 -3.04 5.33
CA HIS A 27 6.70 -2.41 6.28
C HIS A 27 5.27 -2.55 5.80
N LEU A 28 5.09 -2.68 4.49
CA LEU A 28 3.76 -2.81 3.91
C LEU A 28 3.28 -4.26 4.00
N THR A 29 4.02 -5.17 3.37
CA THR A 29 3.66 -6.58 3.38
C THR A 29 3.29 -7.04 4.79
N ARG A 30 4.05 -6.60 5.78
CA ARG A 30 3.80 -6.96 7.17
C ARG A 30 2.46 -6.41 7.64
N HIS A 31 2.06 -5.27 7.08
CA HIS A 31 0.80 -4.63 7.44
C HIS A 31 -0.38 -5.38 6.84
N GLN A 32 -0.23 -5.81 5.59
CA GLN A 32 -1.29 -6.55 4.91
C GLN A 32 -1.75 -7.74 5.73
N LYS A 33 -0.93 -8.12 6.72
CA LYS A 33 -1.26 -9.25 7.58
C LYS A 33 -2.64 -9.09 8.20
N ILE A 34 -3.03 -7.84 8.44
CA ILE A 34 -4.34 -7.56 9.02
C ILE A 34 -5.42 -7.43 7.95
N HIS A 35 -5.09 -7.91 6.74
CA HIS A 35 -6.03 -7.85 5.63
C HIS A 35 -6.18 -9.23 4.98
N THR A 36 -6.19 -10.26 5.81
CA THR A 36 -6.33 -11.63 5.31
C THR A 36 -7.67 -11.84 4.63
N ARG A 37 -7.69 -12.69 3.61
CA ARG A 37 -8.91 -12.98 2.87
C ARG A 37 -9.33 -14.44 3.05
N LYS A 38 -10.52 -14.64 3.59
CA LYS A 38 -11.04 -15.98 3.81
C LYS A 38 -12.22 -16.29 2.89
N SER A 39 -11.91 -16.83 1.72
CA SER A 39 -12.95 -17.16 0.74
C SER A 39 -13.76 -18.37 1.19
N GLY A 40 -13.05 -19.39 1.66
CA GLY A 40 -13.72 -20.60 2.12
C GLY A 40 -12.82 -21.49 2.95
N PRO A 41 -13.17 -22.77 3.04
CA PRO A 41 -12.40 -23.75 3.81
C PRO A 41 -11.04 -24.06 3.18
N SER A 42 -10.00 -24.03 4.01
CA SER A 42 -8.64 -24.30 3.52
C SER A 42 -8.57 -25.67 2.84
N SER A 43 -8.75 -25.67 1.52
CA SER A 43 -8.71 -26.91 0.75
C SER A 43 -7.27 -27.36 0.54
N GLY A 44 -6.39 -26.42 0.22
CA GLY A 44 -5.00 -26.75 -0.01
C GLY A 44 -4.14 -25.51 -0.23
#